data_9ESR
#
_entry.id   9ESR
#
_cell.length_a   74.222
_cell.length_b   133.812
_cell.length_c   147.855
_cell.angle_alpha   90
_cell.angle_beta   90
_cell.angle_gamma   90
#
_symmetry.space_group_name_H-M   'P 21 21 21'
#
loop_
_entity.id
_entity.type
_entity.pdbx_description
1 polymer 'Cyclin-dependent kinase 2'
2 polymer Cyclin-A2
3 non-polymer 2-(4-bromo-1H-pyrazol-1-yl)ethan-1-ol
4 water water
#
loop_
_entity_poly.entity_id
_entity_poly.type
_entity_poly.pdbx_seq_one_letter_code
_entity_poly.pdbx_strand_id
1 'polypeptide(L)'
;GPGSMENFQKVEKIGEGTYGVVYKARNKLTGEVVALKKIRLDTETEGVPSTAIREISLLKELNHPNIVKLLDVIHTENKL
YLVFEFLHQDLKKFMDASALTGIPLPLIKSYLFQLLQGLAFCHSHRVLHRDLKPQNLLINTEGAIKLADFGLARAFGVPV
RTY(TPO)HEVVTLWYRAPEILLGCKYYSTAVDIWSLGCIFAEMVTRRALFPGDSEIDQLFRIFRTLGTPDEVVWPGVTS
MPDYKPSFPKWARQDFSKVVPPLDEDGRSLLSQMLHYDPNKRISAKAALAHPFFQDVTKPVPHLRL
;
A,C
2 'polypeptide(L)'
;GVNEVPDYHEDIHTYLREMEVKCKPKVGYMKKQPDITNSMRAILVDWLVEVGEEYKLQNETLHLAVNYIDRFLSSMSVLR
GKLQLVGTAAMLLASKFEEIYPPEVAEFVYITDDTYTKKQVLRMEHLVLKVLAFDLAAPTINQFLTQYFLHQQPANCKVE
SLAMFLGELSLIDADPYLKYLPSVIAAAAFHLALYTVTGQSWPESLVQKTGYTLETLKPCLLDLHQTYLRAPQHAQQSIR
EKYKNSKYHGVSLLNPPETLNVHHHHHH
;
B,D
#
loop_
_chem_comp.id
_chem_comp.type
_chem_comp.name
_chem_comp.formula
UU1 non-polymer 2-(4-bromo-1H-pyrazol-1-yl)ethan-1-ol 'C5 H7 Br N2 O'
#
# COMPACT_ATOMS: atom_id res chain seq x y z
N GLY A 1 4.27 4.39 7.92
CA GLY A 1 5.70 4.29 7.64
C GLY A 1 6.46 3.82 8.88
N PRO A 2 7.38 2.84 8.72
CA PRO A 2 8.06 2.18 9.85
C PRO A 2 8.81 3.09 10.81
N GLY A 3 8.85 4.38 10.47
CA GLY A 3 9.81 5.29 11.06
C GLY A 3 9.33 5.77 12.43
N SER A 4 10.32 6.04 13.29
CA SER A 4 10.16 6.65 14.61
C SER A 4 11.47 7.37 14.96
N MET A 5 11.38 8.59 15.52
CA MET A 5 12.53 9.47 15.66
C MET A 5 13.60 8.92 16.60
N GLU A 6 13.32 7.90 17.36
CA GLU A 6 14.29 7.34 18.33
C GLU A 6 15.39 6.61 17.56
N ASN A 7 15.04 5.97 16.44
CA ASN A 7 16.02 5.26 15.65
C ASN A 7 16.92 6.19 14.85
N PHE A 8 16.73 7.50 14.93
CA PHE A 8 17.62 8.41 14.23
C PHE A 8 18.53 9.14 15.23
N GLN A 9 19.75 9.41 14.77
CA GLN A 9 20.75 10.15 15.52
C GLN A 9 21.12 11.34 14.66
N LYS A 10 20.86 12.54 15.16
CA LYS A 10 21.23 13.77 14.43
C LYS A 10 22.75 13.82 14.28
N VAL A 11 23.23 14.35 13.17
CA VAL A 11 24.65 14.42 12.88
C VAL A 11 25.09 15.89 12.74
N GLU A 12 24.42 16.66 11.88
CA GLU A 12 24.67 18.08 11.74
C GLU A 12 23.54 18.73 10.95
N LYS A 13 23.46 20.08 10.99
CA LYS A 13 22.56 20.83 10.11
C LYS A 13 23.18 20.79 8.72
N ILE A 14 22.36 20.72 7.67
CA ILE A 14 22.91 20.64 6.31
C ILE A 14 22.28 21.70 5.41
N GLY A 15 21.47 22.59 6.00
CA GLY A 15 20.75 23.58 5.20
C GLY A 15 19.40 23.95 5.82
N GLU A 16 18.75 24.92 5.17
CA GLU A 16 17.41 25.33 5.52
C GLU A 16 16.56 25.28 4.27
N GLY A 17 15.26 24.97 4.45
CA GLY A 17 14.28 24.91 3.38
C GLY A 17 13.14 25.89 3.63
N THR A 18 11.97 25.53 3.11
CA THR A 18 10.83 26.43 3.19
C THR A 18 10.05 26.15 4.47
N TYR A 19 10.47 25.16 5.25
CA TYR A 19 9.65 24.79 6.44
C TYR A 19 10.48 24.81 7.68
N GLY A 20 11.77 25.05 7.52
CA GLY A 20 12.69 25.01 8.65
C GLY A 20 14.04 24.49 8.18
N VAL A 21 14.66 23.68 9.05
CA VAL A 21 16.04 23.26 8.87
C VAL A 21 16.07 21.84 8.32
N VAL A 22 17.14 21.52 7.55
CA VAL A 22 17.41 20.14 7.19
C VAL A 22 18.62 19.64 7.96
N TYR A 23 18.54 18.41 8.49
CA TYR A 23 19.65 17.81 9.20
C TYR A 23 20.08 16.51 8.53
N LYS A 24 21.38 16.26 8.45
CA LYS A 24 21.88 14.91 8.20
C LYS A 24 21.67 14.06 9.45
N ALA A 25 21.15 12.84 9.30
CA ALA A 25 20.96 11.92 10.42
C ALA A 25 21.27 10.48 10.01
N ARG A 26 21.54 9.61 11.00
CA ARG A 26 21.92 8.22 10.81
C ARG A 26 20.85 7.33 11.44
N ASN A 27 20.32 6.36 10.67
CA ASN A 27 19.44 5.32 11.20
C ASN A 27 20.27 4.38 12.04
N LYS A 28 19.92 4.19 13.30
CA LYS A 28 20.83 3.58 14.25
C LYS A 28 20.76 2.07 14.18
N LEU A 29 19.77 1.55 13.43
CA LEU A 29 19.54 0.12 13.35
C LEU A 29 20.02 -0.43 12.02
N THR A 30 19.91 0.39 10.96
CA THR A 30 20.27 -0.06 9.63
C THR A 30 21.60 0.53 9.14
N GLY A 31 21.97 1.71 9.66
CA GLY A 31 23.21 2.39 9.32
C GLY A 31 22.97 3.52 8.32
N GLU A 32 21.74 3.61 7.84
CA GLU A 32 21.46 4.44 6.68
C GLU A 32 21.58 5.91 7.08
N VAL A 33 22.34 6.67 6.30
CA VAL A 33 22.41 8.11 6.45
C VAL A 33 21.24 8.70 5.68
N VAL A 34 20.46 9.54 6.36
CA VAL A 34 19.26 10.17 5.80
C VAL A 34 19.35 11.68 5.97
N ALA A 35 18.48 12.41 5.26
CA ALA A 35 18.30 13.81 5.54
C ALA A 35 16.90 14.00 6.09
N LEU A 36 16.78 14.63 7.27
CA LEU A 36 15.49 14.93 7.89
C LEU A 36 15.06 16.36 7.58
N LYS A 37 13.90 16.53 6.96
CA LYS A 37 13.32 17.84 6.76
C LYS A 37 12.20 18.00 7.78
N LYS A 38 12.38 18.87 8.77
CA LYS A 38 11.39 19.08 9.81
C LYS A 38 10.45 20.21 9.41
N ILE A 39 9.14 20.01 9.63
CA ILE A 39 8.13 21.03 9.42
C ILE A 39 7.57 21.31 10.81
N ARG A 40 7.76 22.54 11.29
CA ARG A 40 7.16 22.89 12.60
C ARG A 40 5.69 23.21 12.38
N LEU A 41 4.81 22.24 12.57
CA LEU A 41 3.37 22.45 12.37
C LEU A 41 2.86 23.40 13.47
N ASP A 42 3.61 23.51 14.57
CA ASP A 42 3.20 24.37 15.72
C ASP A 42 3.07 25.82 15.25
N THR A 43 4.05 26.29 14.47
CA THR A 43 4.02 27.68 13.97
C THR A 43 2.99 27.79 12.89
N GLU A 44 2.33 26.68 12.53
CA GLU A 44 1.36 26.71 11.40
C GLU A 44 -0.06 26.77 11.95
N THR A 45 -0.67 27.96 11.94
CA THR A 45 -2.05 28.13 12.41
C THR A 45 -3.00 27.70 11.33
N GLU A 46 -2.48 27.44 10.13
CA GLU A 46 -3.34 27.06 8.99
C GLU A 46 -3.17 25.56 8.70
N GLY A 47 -2.68 24.81 9.69
CA GLY A 47 -2.60 23.37 9.54
C GLY A 47 -1.41 22.96 8.67
N VAL A 48 -1.49 21.81 8.01
CA VAL A 48 -0.33 21.36 7.26
C VAL A 48 -0.14 22.25 6.03
N PRO A 49 1.07 22.85 5.87
CA PRO A 49 1.35 23.72 4.73
C PRO A 49 1.05 23.04 3.41
N SER A 50 0.51 23.82 2.45
CA SER A 50 0.25 23.35 1.10
C SER A 50 1.54 22.83 0.43
N THR A 51 2.65 23.54 0.66
CA THR A 51 3.93 23.13 0.10
C THR A 51 4.25 21.70 0.49
N ALA A 52 4.00 21.35 1.76
CA ALA A 52 4.36 20.04 2.29
C ALA A 52 3.41 18.98 1.74
N ILE A 53 2.13 19.33 1.63
CA ILE A 53 1.13 18.39 1.16
C ILE A 53 1.49 17.98 -0.27
N ARG A 54 1.85 18.97 -1.10
CA ARG A 54 2.28 18.71 -2.46
C ARG A 54 3.60 17.93 -2.45
N GLU A 55 4.57 18.34 -1.66
CA GLU A 55 5.88 17.65 -1.75
C GLU A 55 5.73 16.18 -1.39
N ILE A 56 4.93 15.86 -0.39
CA ILE A 56 4.85 14.50 0.10
C ILE A 56 4.06 13.68 -0.92
N SER A 57 2.84 14.14 -1.23
CA SER A 57 1.96 13.43 -2.15
C SER A 57 2.62 13.17 -3.52
N LEU A 58 3.41 14.13 -4.02
CA LEU A 58 4.00 14.03 -5.33
C LEU A 58 5.26 13.17 -5.30
N LEU A 59 6.04 13.23 -4.24
CA LEU A 59 7.32 12.47 -4.20
C LEU A 59 7.03 11.01 -3.81
N LYS A 60 5.80 10.74 -3.36
CA LYS A 60 5.41 9.38 -2.91
C LYS A 60 5.25 8.49 -4.14
N GLU A 61 5.07 9.09 -5.31
CA GLU A 61 4.80 8.28 -6.51
C GLU A 61 5.91 8.49 -7.55
N LEU A 62 6.88 9.33 -7.25
CA LEU A 62 7.99 9.53 -8.15
C LEU A 62 9.19 8.71 -7.72
N ASN A 63 9.17 7.41 -7.99
CA ASN A 63 10.34 6.59 -7.71
C ASN A 63 11.17 6.47 -8.98
N HIS A 64 12.33 7.13 -8.96
CA HIS A 64 13.20 7.18 -10.10
C HIS A 64 14.63 7.40 -9.57
N PRO A 65 15.66 6.84 -10.24
CA PRO A 65 17.02 6.96 -9.72
C PRO A 65 17.55 8.39 -9.68
N ASN A 66 16.95 9.30 -10.47
CA ASN A 66 17.40 10.68 -10.54
C ASN A 66 16.37 11.65 -9.96
N ILE A 67 15.51 11.12 -9.09
CA ILE A 67 14.68 11.93 -8.21
C ILE A 67 14.95 11.45 -6.79
N VAL A 68 15.27 12.40 -5.91
CA VAL A 68 15.54 12.16 -4.49
C VAL A 68 14.38 11.38 -3.88
N LYS A 69 14.70 10.34 -3.11
CA LYS A 69 13.69 9.47 -2.55
C LYS A 69 13.26 10.02 -1.20
N LEU A 70 11.96 10.27 -1.08
CA LEU A 70 11.25 10.33 0.20
C LEU A 70 11.12 8.90 0.73
N LEU A 71 11.75 8.67 1.88
CA LEU A 71 11.89 7.37 2.49
C LEU A 71 10.73 7.13 3.44
N ASP A 72 10.27 8.21 4.10
CA ASP A 72 9.29 8.12 5.18
C ASP A 72 8.74 9.50 5.55
N VAL A 73 7.60 9.50 6.25
CA VAL A 73 7.07 10.71 6.85
C VAL A 73 6.73 10.31 8.28
N ILE A 74 7.32 10.99 9.25
CA ILE A 74 6.96 10.74 10.68
C ILE A 74 6.00 11.86 11.09
N HIS A 75 4.73 11.52 11.31
CA HIS A 75 3.70 12.57 11.55
C HIS A 75 3.32 12.65 13.02
N THR A 76 4.18 13.28 13.83
CA THR A 76 3.77 13.51 15.23
C THR A 76 2.70 14.59 15.19
N GLU A 77 1.95 14.75 16.28
CA GLU A 77 0.87 15.77 16.30
C GLU A 77 1.51 17.14 16.44
N ASN A 78 2.78 17.20 16.88
CA ASN A 78 3.47 18.51 17.05
C ASN A 78 4.31 18.82 15.81
N LYS A 79 5.01 17.82 15.27
CA LYS A 79 5.94 18.11 14.15
C LYS A 79 5.77 17.08 13.02
N LEU A 80 6.25 17.43 11.83
CA LEU A 80 6.22 16.50 10.68
C LEU A 80 7.64 16.37 10.13
N TYR A 81 8.21 15.16 10.18
CA TYR A 81 9.56 14.97 9.64
C TYR A 81 9.51 14.22 8.32
N LEU A 82 10.08 14.80 7.26
CA LEU A 82 10.22 14.08 6.00
C LEU A 82 11.60 13.44 5.96
N VAL A 83 11.65 12.10 5.87
CA VAL A 83 12.93 11.39 5.81
C VAL A 83 13.31 11.16 4.36
N PHE A 84 14.43 11.76 3.94
CA PHE A 84 14.88 11.64 2.56
C PHE A 84 16.18 10.83 2.47
N GLU A 85 16.38 10.20 1.31
CA GLU A 85 17.70 9.67 0.99
C GLU A 85 18.73 10.81 1.07
N PHE A 86 19.90 10.54 1.66
CA PHE A 86 20.92 11.56 1.83
C PHE A 86 21.90 11.59 0.67
N LEU A 87 22.22 12.82 0.19
CA LEU A 87 23.22 13.04 -0.83
C LEU A 87 24.21 14.13 -0.40
N HIS A 88 25.49 13.89 -0.75
N HIS A 88 25.51 13.87 -0.61
CA HIS A 88 26.63 14.53 -0.13
CA HIS A 88 26.61 14.62 0.00
C HIS A 88 26.64 16.04 -0.42
C HIS A 88 26.62 16.10 -0.40
N GLN A 89 26.22 16.44 -1.62
CA GLN A 89 26.40 17.81 -2.07
C GLN A 89 25.29 18.23 -3.05
N ASP A 90 25.12 19.54 -3.26
CA ASP A 90 24.28 20.06 -4.34
C ASP A 90 25.17 20.58 -5.48
N LEU A 91 24.60 20.79 -6.67
CA LEU A 91 25.39 21.10 -7.84
C LEU A 91 25.99 22.52 -7.76
N LYS A 92 25.35 23.40 -6.99
CA LYS A 92 25.84 24.76 -6.85
C LYS A 92 27.19 24.75 -6.12
N LYS A 93 27.22 24.10 -4.94
CA LYS A 93 28.44 23.99 -4.15
C LYS A 93 29.55 23.32 -4.97
N PHE A 94 29.21 22.30 -5.76
CA PHE A 94 30.18 21.55 -6.53
C PHE A 94 30.78 22.41 -7.63
N MET A 95 29.94 23.25 -8.28
CA MET A 95 30.41 24.19 -9.28
C MET A 95 31.38 25.21 -8.68
N ASP A 96 31.11 25.66 -7.46
CA ASP A 96 31.99 26.59 -6.77
C ASP A 96 33.31 25.93 -6.39
N ALA A 97 33.27 24.64 -6.01
CA ALA A 97 34.49 23.89 -5.71
C ALA A 97 35.23 23.47 -7.00
N SER A 98 34.57 23.51 -8.15
CA SER A 98 35.19 23.04 -9.42
C SER A 98 35.66 24.23 -10.25
N ALA A 99 35.72 25.41 -9.64
CA ALA A 99 36.11 26.62 -10.42
C ALA A 99 37.59 26.53 -10.73
N LEU A 100 38.05 27.27 -11.75
CA LEU A 100 39.47 27.27 -12.15
C LEU A 100 39.83 25.95 -12.83
N THR A 101 39.08 24.89 -12.55
CA THR A 101 39.30 23.62 -13.25
C THR A 101 38.21 23.48 -14.27
N GLY A 102 36.99 23.78 -13.85
CA GLY A 102 35.84 23.59 -14.75
C GLY A 102 35.32 22.18 -14.61
N ILE A 103 34.03 21.98 -14.86
CA ILE A 103 33.51 20.63 -14.84
C ILE A 103 33.95 19.93 -16.13
N PRO A 104 34.57 18.73 -16.06
CA PRO A 104 34.92 17.96 -17.26
C PRO A 104 33.69 17.70 -18.14
N LEU A 105 33.88 17.78 -19.46
CA LEU A 105 32.75 17.68 -20.39
C LEU A 105 31.99 16.36 -20.17
N PRO A 106 32.67 15.20 -19.96
CA PRO A 106 32.00 13.95 -19.63
C PRO A 106 31.04 14.06 -18.46
N LEU A 107 31.43 14.80 -17.41
CA LEU A 107 30.63 14.89 -16.20
C LEU A 107 29.41 15.79 -16.41
N ILE A 108 29.57 16.85 -17.21
CA ILE A 108 28.48 17.73 -17.59
C ILE A 108 27.44 16.91 -18.34
N LYS A 109 27.94 16.10 -19.28
CA LYS A 109 27.14 15.29 -20.19
C LYS A 109 26.37 14.21 -19.43
N SER A 110 27.06 13.50 -18.52
CA SER A 110 26.44 12.59 -17.57
C SER A 110 25.32 13.27 -16.76
N TYR A 111 25.63 14.46 -16.20
CA TYR A 111 24.73 15.15 -15.30
C TYR A 111 23.49 15.62 -16.06
N LEU A 112 23.70 16.20 -17.25
CA LEU A 112 22.57 16.70 -18.02
C LEU A 112 21.64 15.54 -18.41
N PHE A 113 22.27 14.43 -18.90
CA PHE A 113 21.52 13.24 -19.29
C PHE A 113 20.63 12.73 -18.15
N GLN A 114 21.21 12.67 -16.94
CA GLN A 114 20.49 12.18 -15.78
C GLN A 114 19.37 13.15 -15.41
N LEU A 115 19.65 14.47 -15.46
CA LEU A 115 18.63 15.45 -15.16
C LEU A 115 17.46 15.30 -16.12
N LEU A 116 17.76 15.03 -17.38
CA LEU A 116 16.71 14.85 -18.38
C LEU A 116 15.88 13.62 -18.08
N GLN A 117 16.52 12.56 -17.57
CA GLN A 117 15.78 11.35 -17.24
C GLN A 117 14.78 11.61 -16.12
N GLY A 118 15.24 12.28 -15.07
CA GLY A 118 14.42 12.57 -13.92
C GLY A 118 13.25 13.45 -14.33
N LEU A 119 13.53 14.42 -15.19
CA LEU A 119 12.50 15.38 -15.52
C LEU A 119 11.47 14.73 -16.44
N ALA A 120 11.95 13.91 -17.40
CA ALA A 120 11.05 13.21 -18.29
C ALA A 120 10.07 12.38 -17.43
N PHE A 121 10.61 11.77 -16.38
CA PHE A 121 9.83 10.93 -15.50
C PHE A 121 8.79 11.78 -14.77
N CYS A 122 9.22 12.95 -14.24
CA CYS A 122 8.27 13.90 -13.66
C CYS A 122 7.14 14.24 -14.65
N HIS A 123 7.53 14.65 -15.86
CA HIS A 123 6.55 15.08 -16.82
C HIS A 123 5.61 13.92 -17.16
N SER A 124 6.16 12.71 -17.24
CA SER A 124 5.38 11.52 -17.57
C SER A 124 4.40 11.18 -16.46
N HIS A 125 4.67 11.66 -15.24
CA HIS A 125 3.76 11.47 -14.12
C HIS A 125 2.96 12.73 -13.78
N ARG A 126 2.66 13.58 -14.69
CA ARG A 126 1.78 14.76 -14.47
C ARG A 126 2.37 15.71 -13.39
N VAL A 127 3.74 15.81 -13.32
CA VAL A 127 4.30 16.72 -12.31
C VAL A 127 5.22 17.77 -12.96
N LEU A 128 4.99 19.06 -12.68
CA LEU A 128 5.91 20.15 -12.99
C LEU A 128 6.77 20.40 -11.76
N HIS A 129 8.08 20.59 -11.94
CA HIS A 129 8.96 20.87 -10.82
C HIS A 129 8.87 22.34 -10.40
N ARG A 130 9.12 23.23 -11.37
CA ARG A 130 8.87 24.66 -11.27
C ARG A 130 9.87 25.35 -10.34
N ASP A 131 10.98 24.71 -9.97
CA ASP A 131 12.07 25.42 -9.32
C ASP A 131 13.40 24.70 -9.60
N LEU A 132 13.66 24.37 -10.88
CA LEU A 132 14.94 23.76 -11.20
C LEU A 132 16.08 24.80 -11.16
N LYS A 133 17.01 24.58 -10.24
CA LYS A 133 18.20 25.40 -10.16
C LYS A 133 19.27 24.54 -9.49
N PRO A 134 20.57 24.87 -9.63
CA PRO A 134 21.65 24.02 -9.13
C PRO A 134 21.59 23.65 -7.66
N GLN A 135 21.10 24.60 -6.85
CA GLN A 135 20.88 24.43 -5.43
C GLN A 135 19.95 23.23 -5.15
N ASN A 136 19.00 22.96 -6.05
CA ASN A 136 17.98 21.94 -5.86
C ASN A 136 18.33 20.64 -6.63
N LEU A 137 19.58 20.52 -7.11
CA LEU A 137 20.04 19.32 -7.79
C LEU A 137 21.15 18.69 -6.95
N LEU A 138 20.92 17.46 -6.45
CA LEU A 138 21.83 16.84 -5.50
C LEU A 138 22.67 15.75 -6.16
N ILE A 139 23.94 15.65 -5.76
CA ILE A 139 24.90 14.75 -6.35
C ILE A 139 25.45 13.83 -5.25
N ASN A 140 25.74 12.57 -5.60
CA ASN A 140 26.39 11.71 -4.61
C ASN A 140 27.83 11.41 -5.05
N THR A 141 28.48 10.54 -4.28
CA THR A 141 29.87 10.17 -4.50
C THR A 141 29.97 9.21 -5.69
N GLU A 142 28.84 8.74 -6.23
CA GLU A 142 28.89 7.71 -7.24
C GLU A 142 28.61 8.28 -8.62
N GLY A 143 28.27 9.57 -8.67
CA GLY A 143 28.14 10.27 -9.94
C GLY A 143 26.70 10.40 -10.36
N ALA A 144 25.81 10.11 -9.41
CA ALA A 144 24.38 10.34 -9.60
C ALA A 144 24.08 11.82 -9.36
N ILE A 145 23.17 12.37 -10.15
CA ILE A 145 22.57 13.66 -9.86
C ILE A 145 21.06 13.46 -9.84
N LYS A 146 20.38 14.14 -8.89
CA LYS A 146 18.98 13.88 -8.61
C LYS A 146 18.23 15.18 -8.36
N LEU A 147 17.03 15.28 -8.94
CA LEU A 147 16.13 16.40 -8.70
C LEU A 147 15.68 16.33 -7.25
N ALA A 148 15.70 17.48 -6.59
CA ALA A 148 15.22 17.58 -5.23
C ALA A 148 14.40 18.86 -5.06
N ASP A 149 13.87 19.01 -3.86
CA ASP A 149 13.06 20.13 -3.44
C ASP A 149 11.80 20.27 -4.28
N PHE A 150 10.77 19.46 -3.98
CA PHE A 150 9.50 19.47 -4.71
C PHE A 150 8.46 20.38 -4.02
N GLY A 151 8.92 21.29 -3.16
CA GLY A 151 8.02 22.18 -2.42
C GLY A 151 7.23 23.12 -3.33
N LEU A 152 7.74 23.40 -4.53
CA LEU A 152 7.02 24.27 -5.49
C LEU A 152 6.45 23.45 -6.66
N ALA A 153 6.49 22.12 -6.57
CA ALA A 153 6.03 21.29 -7.68
C ALA A 153 4.51 21.33 -7.73
N ARG A 154 3.93 20.87 -8.84
CA ARG A 154 2.45 20.94 -9.00
C ARG A 154 1.96 19.82 -9.92
N ALA A 155 0.91 19.10 -9.53
CA ALA A 155 0.34 18.07 -10.39
C ALA A 155 -0.54 18.76 -11.44
N PHE A 156 -0.25 18.49 -12.71
CA PHE A 156 -0.97 19.18 -13.77
C PHE A 156 -1.95 18.23 -14.41
N GLY A 157 -2.92 18.85 -15.10
CA GLY A 157 -3.89 18.20 -15.96
C GLY A 157 -3.59 18.51 -17.41
N VAL A 158 -4.28 17.84 -18.34
CA VAL A 158 -3.97 17.91 -19.76
C VAL A 158 -5.28 18.26 -20.47
N PRO A 159 -5.37 19.40 -21.20
CA PRO A 159 -4.36 20.46 -21.19
C PRO A 159 -4.25 21.16 -19.83
N VAL A 160 -3.17 21.96 -19.65
CA VAL A 160 -2.90 22.68 -18.41
C VAL A 160 -3.95 23.78 -18.21
N ARG A 161 -4.13 24.13 -16.94
CA ARG A 161 -5.01 25.28 -16.63
C ARG A 161 -4.07 26.36 -16.07
N THR A 162 -4.60 27.52 -15.75
CA THR A 162 -3.77 28.57 -15.14
C THR A 162 -3.31 28.13 -13.75
N TYR A 163 -1.99 28.13 -13.52
CA TYR A 163 -1.41 27.86 -12.21
C TYR A 163 -0.75 29.14 -11.70
N TPO A 164 -0.03 28.97 -10.59
CA TPO A 164 0.62 30.12 -9.90
CB TPO A 164 1.30 29.63 -8.62
CG2 TPO A 164 1.81 30.76 -7.75
OG1 TPO A 164 0.28 28.91 -7.85
P TPO A 164 0.32 27.31 -7.64
O1P TPO A 164 0.37 26.73 -9.03
O2P TPO A 164 -0.94 26.97 -6.90
O3P TPO A 164 1.55 27.02 -6.84
C TPO A 164 1.55 30.87 -10.85
O TPO A 164 2.23 30.23 -11.65
N HIS A 165 1.59 32.19 -10.73
CA HIS A 165 2.41 33.07 -11.59
C HIS A 165 3.78 33.27 -10.96
N GLU A 166 3.81 33.31 -9.63
CA GLU A 166 5.10 33.48 -8.92
C GLU A 166 5.79 32.12 -8.93
N VAL A 167 6.45 31.77 -10.04
CA VAL A 167 7.03 30.41 -10.12
C VAL A 167 8.44 30.46 -10.67
N VAL A 168 9.34 29.64 -10.12
CA VAL A 168 10.71 29.45 -10.59
C VAL A 168 11.58 30.61 -10.11
N THR A 169 12.71 30.26 -9.47
CA THR A 169 13.71 31.26 -9.16
C THR A 169 14.03 32.06 -10.43
N LEU A 170 14.13 33.39 -10.28
CA LEU A 170 14.16 34.34 -11.38
C LEU A 170 15.18 33.94 -12.45
N TRP A 171 16.41 33.59 -12.04
CA TRP A 171 17.46 33.40 -13.02
C TRP A 171 17.15 32.24 -13.96
N TYR A 172 16.22 31.36 -13.53
CA TYR A 172 15.97 30.11 -14.24
C TYR A 172 14.56 30.12 -14.86
N ARG A 173 13.94 31.31 -14.86
CA ARG A 173 12.51 31.43 -15.17
C ARG A 173 12.35 31.69 -16.67
N ALA A 174 11.33 31.04 -17.24
CA ALA A 174 11.12 30.99 -18.68
C ALA A 174 10.40 32.25 -19.13
N PRO A 175 10.63 32.71 -20.38
CA PRO A 175 10.02 33.94 -20.87
C PRO A 175 8.50 33.93 -20.77
N GLU A 176 7.89 32.75 -20.92
CA GLU A 176 6.44 32.72 -21.03
C GLU A 176 5.85 33.11 -19.67
N ILE A 177 6.60 32.84 -18.59
CA ILE A 177 6.18 33.24 -17.26
C ILE A 177 6.45 34.75 -17.10
N LEU A 178 7.62 35.20 -17.58
CA LEU A 178 7.99 36.59 -17.45
C LEU A 178 6.99 37.48 -18.17
N LEU A 179 6.41 36.99 -19.27
CA LEU A 179 5.47 37.80 -20.04
C LEU A 179 4.02 37.57 -19.61
N GLY A 180 3.83 36.87 -18.48
CA GLY A 180 2.56 36.83 -17.77
C GLY A 180 1.48 35.98 -18.46
N CYS A 181 1.89 34.97 -19.24
CA CYS A 181 0.98 34.17 -20.04
C CYS A 181 -0.02 33.43 -19.15
N LYS A 182 -1.26 33.30 -19.63
CA LYS A 182 -2.28 32.53 -18.93
C LYS A 182 -1.83 31.08 -18.70
N TYR A 183 -1.06 30.51 -19.62
CA TYR A 183 -0.70 29.09 -19.52
C TYR A 183 0.81 28.85 -19.68
N TYR A 184 1.29 27.96 -18.81
CA TYR A 184 2.66 27.48 -18.86
C TYR A 184 2.62 25.96 -18.65
N SER A 185 3.64 25.29 -19.19
CA SER A 185 3.66 23.85 -19.27
C SER A 185 5.05 23.30 -18.96
N THR A 186 5.25 22.07 -19.41
CA THR A 186 6.46 21.31 -19.12
C THR A 186 7.66 22.07 -19.63
N ALA A 187 7.45 22.93 -20.65
CA ALA A 187 8.51 23.68 -21.29
C ALA A 187 9.28 24.55 -20.29
N VAL A 188 8.65 24.96 -19.17
CA VAL A 188 9.27 25.89 -18.23
C VAL A 188 10.38 25.17 -17.47
N ASP A 189 10.25 23.84 -17.32
CA ASP A 189 11.27 23.03 -16.66
C ASP A 189 12.45 22.82 -17.59
N ILE A 190 12.17 22.69 -18.89
CA ILE A 190 13.26 22.56 -19.85
C ILE A 190 14.07 23.85 -19.86
N TRP A 191 13.39 25.00 -19.92
CA TRP A 191 14.09 26.28 -19.90
C TRP A 191 15.10 26.29 -18.76
N SER A 192 14.64 25.94 -17.54
CA SER A 192 15.54 25.90 -16.40
C SER A 192 16.76 25.01 -16.67
N LEU A 193 16.54 23.80 -17.18
CA LEU A 193 17.66 22.90 -17.42
C LEU A 193 18.59 23.50 -18.45
N GLY A 194 18.01 24.13 -19.48
CA GLY A 194 18.75 24.93 -20.43
C GLY A 194 19.73 25.89 -19.75
N CYS A 195 19.22 26.69 -18.77
CA CYS A 195 20.06 27.64 -18.09
C CYS A 195 21.14 26.90 -17.30
N ILE A 196 20.76 25.75 -16.72
CA ILE A 196 21.64 24.96 -15.87
C ILE A 196 22.77 24.38 -16.72
N PHE A 197 22.44 24.02 -17.99
CA PHE A 197 23.38 23.36 -18.89
C PHE A 197 24.49 24.36 -19.20
N ALA A 198 24.10 25.57 -19.67
CA ALA A 198 25.01 26.69 -19.87
C ALA A 198 25.86 26.86 -18.61
N GLU A 199 25.20 26.88 -17.46
CA GLU A 199 25.82 27.20 -16.18
C GLU A 199 26.87 26.16 -15.80
N MET A 200 26.63 24.90 -16.16
CA MET A 200 27.59 23.86 -15.86
C MET A 200 28.87 24.07 -16.66
N VAL A 201 28.76 24.65 -17.87
CA VAL A 201 29.90 24.83 -18.77
C VAL A 201 30.72 26.04 -18.31
N THR A 202 30.02 27.16 -18.07
CA THR A 202 30.63 28.44 -17.78
C THR A 202 30.91 28.63 -16.28
N ARG A 203 30.21 27.91 -15.42
CA ARG A 203 30.37 28.06 -13.98
C ARG A 203 29.74 29.36 -13.48
N ARG A 204 28.93 30.01 -14.33
CA ARG A 204 28.16 31.18 -13.94
C ARG A 204 26.79 31.14 -14.59
N ALA A 205 25.80 31.72 -13.90
CA ALA A 205 24.43 31.85 -14.37
C ALA A 205 24.44 32.55 -15.72
N LEU A 206 23.53 32.14 -16.61
CA LEU A 206 23.48 32.63 -17.97
C LEU A 206 22.66 33.92 -18.02
N PHE A 207 21.63 34.00 -17.15
CA PHE A 207 20.79 35.18 -17.14
C PHE A 207 20.57 35.65 -15.70
N PRO A 208 21.54 36.39 -15.10
CA PRO A 208 21.43 36.85 -13.72
C PRO A 208 20.77 38.20 -13.58
N GLY A 209 19.44 38.23 -13.76
CA GLY A 209 18.69 39.50 -13.67
C GLY A 209 18.29 39.80 -12.25
N ASP A 210 18.05 41.08 -11.94
CA ASP A 210 17.65 41.49 -10.56
C ASP A 210 16.13 41.64 -10.51
N SER A 211 15.53 42.09 -11.62
CA SER A 211 14.06 42.31 -11.65
C SER A 211 13.45 41.57 -12.85
N GLU A 212 12.13 41.33 -12.81
CA GLU A 212 11.49 40.68 -13.95
C GLU A 212 11.93 41.32 -15.26
N ILE A 213 11.99 42.66 -15.32
CA ILE A 213 12.20 43.36 -16.59
C ILE A 213 13.66 43.23 -17.01
N ASP A 214 14.54 43.26 -16.02
CA ASP A 214 15.95 43.09 -16.28
C ASP A 214 16.25 41.67 -16.74
N GLN A 215 15.53 40.69 -16.18
CA GLN A 215 15.66 39.27 -16.55
C GLN A 215 15.33 39.12 -18.03
N LEU A 216 14.18 39.68 -18.45
CA LEU A 216 13.74 39.63 -19.84
C LEU A 216 14.80 40.23 -20.76
N PHE A 217 15.22 41.44 -20.38
CA PHE A 217 16.14 42.21 -21.19
C PHE A 217 17.44 41.42 -21.39
N ARG A 218 17.92 40.77 -20.33
CA ARG A 218 19.16 39.96 -20.44
C ARG A 218 18.92 38.77 -21.38
N ILE A 219 17.73 38.18 -21.32
CA ILE A 219 17.44 37.05 -22.16
C ILE A 219 17.38 37.51 -23.61
N PHE A 220 16.71 38.65 -23.83
CA PHE A 220 16.52 39.20 -25.16
C PHE A 220 17.86 39.60 -25.74
N ARG A 221 18.75 40.11 -24.91
CA ARG A 221 20.04 40.59 -25.41
C ARG A 221 20.90 39.40 -25.83
N THR A 222 20.66 38.21 -25.26
CA THR A 222 21.44 37.02 -25.59
C THR A 222 20.83 36.27 -26.78
N LEU A 223 19.51 36.13 -26.79
CA LEU A 223 18.85 35.25 -27.73
C LEU A 223 18.13 36.06 -28.80
N GLY A 224 18.22 37.39 -28.72
CA GLY A 224 17.48 38.30 -29.59
C GLY A 224 16.08 38.54 -29.04
N THR A 225 15.51 39.70 -29.35
CA THR A 225 14.18 40.06 -28.89
C THR A 225 13.20 39.31 -29.78
N PRO A 226 12.29 38.46 -29.24
CA PRO A 226 11.40 37.66 -30.09
C PRO A 226 10.34 38.52 -30.78
N ASP A 227 9.99 38.12 -32.01
CA ASP A 227 8.86 38.69 -32.74
C ASP A 227 7.89 37.55 -33.08
N GLU A 228 6.87 37.89 -33.90
CA GLU A 228 5.77 37.01 -34.25
C GLU A 228 6.29 35.82 -35.06
N VAL A 229 7.37 36.05 -35.80
CA VAL A 229 7.98 35.01 -36.62
C VAL A 229 8.53 33.89 -35.73
N VAL A 230 9.47 34.21 -34.82
CA VAL A 230 10.10 33.20 -34.01
C VAL A 230 9.14 32.64 -32.95
N TRP A 231 8.18 33.46 -32.52
CA TRP A 231 7.31 33.07 -31.42
C TRP A 231 5.93 33.66 -31.65
N PRO A 232 5.05 33.00 -32.42
CA PRO A 232 3.73 33.56 -32.71
C PRO A 232 2.97 33.81 -31.40
N GLY A 233 2.31 34.97 -31.33
CA GLY A 233 1.52 35.34 -30.17
C GLY A 233 2.27 36.16 -29.11
N VAL A 234 3.59 36.35 -29.28
CA VAL A 234 4.40 36.99 -28.27
C VAL A 234 3.90 38.42 -28.09
N THR A 235 3.66 39.14 -29.21
CA THR A 235 3.32 40.57 -29.15
C THR A 235 1.94 40.76 -28.51
N SER A 236 1.18 39.68 -28.31
CA SER A 236 -0.15 39.74 -27.74
C SER A 236 -0.10 39.51 -26.23
N MET A 237 1.04 39.02 -25.73
CA MET A 237 1.09 38.51 -24.37
C MET A 237 0.95 39.61 -23.31
N PRO A 238 0.27 39.31 -22.18
CA PRO A 238 -0.16 40.35 -21.24
C PRO A 238 0.88 41.39 -20.87
N ASP A 239 2.14 40.95 -20.70
CA ASP A 239 3.23 41.80 -20.25
C ASP A 239 4.25 42.05 -21.37
N TYR A 240 3.87 41.75 -22.60
CA TYR A 240 4.62 42.24 -23.74
C TYR A 240 4.30 43.72 -23.91
N LYS A 241 5.34 44.50 -24.20
CA LYS A 241 5.23 45.91 -24.49
C LYS A 241 5.88 46.14 -25.86
N PRO A 242 5.19 46.81 -26.83
CA PRO A 242 5.80 47.16 -28.10
C PRO A 242 7.05 48.05 -27.98
N SER A 243 7.19 48.75 -26.86
CA SER A 243 8.33 49.61 -26.59
C SER A 243 9.58 48.81 -26.24
N PHE A 244 9.44 47.49 -26.00
CA PHE A 244 10.60 46.62 -25.76
C PHE A 244 11.68 46.88 -26.79
N PRO A 245 12.96 47.04 -26.37
CA PRO A 245 14.05 47.22 -27.33
C PRO A 245 14.14 45.95 -28.16
N LYS A 246 14.62 46.10 -29.39
CA LYS A 246 14.66 44.98 -30.33
C LYS A 246 16.11 44.58 -30.56
N TRP A 247 16.65 43.69 -29.72
CA TRP A 247 18.02 43.26 -29.86
C TRP A 247 18.10 42.17 -30.92
N ALA A 248 19.22 42.13 -31.65
CA ALA A 248 19.47 41.07 -32.63
C ALA A 248 19.82 39.74 -31.94
N ARG A 249 19.46 38.64 -32.60
CA ARG A 249 19.85 37.33 -32.07
C ARG A 249 21.36 37.20 -32.24
N GLN A 250 22.07 36.86 -31.18
CA GLN A 250 23.50 36.68 -31.30
C GLN A 250 23.73 35.21 -31.67
N ASP A 251 24.80 34.97 -32.46
CA ASP A 251 25.28 33.67 -32.89
C ASP A 251 25.55 32.84 -31.63
N PHE A 252 24.94 31.65 -31.58
CA PHE A 252 24.88 30.86 -30.36
C PHE A 252 26.28 30.38 -29.99
N SER A 253 27.23 30.46 -30.91
CA SER A 253 28.59 30.06 -30.58
C SER A 253 29.21 31.07 -29.62
N LYS A 254 28.63 32.28 -29.57
CA LYS A 254 29.13 33.37 -28.75
C LYS A 254 28.45 33.35 -27.38
N VAL A 255 27.32 32.66 -27.24
CA VAL A 255 26.66 32.52 -25.96
C VAL A 255 27.45 31.58 -25.06
N VAL A 256 27.94 30.45 -25.60
CA VAL A 256 28.70 29.51 -24.81
C VAL A 256 29.89 29.01 -25.63
N PRO A 257 30.93 29.85 -25.76
CA PRO A 257 32.06 29.56 -26.65
C PRO A 257 32.72 28.18 -26.52
N PRO A 258 32.94 27.63 -25.31
CA PRO A 258 33.59 26.33 -25.19
C PRO A 258 32.81 25.14 -25.77
N LEU A 259 31.49 25.31 -25.94
CA LEU A 259 30.56 24.24 -26.28
C LEU A 259 30.73 23.85 -27.75
N ASP A 260 30.70 22.52 -28.00
CA ASP A 260 30.84 21.90 -29.33
C ASP A 260 29.57 22.10 -30.14
N GLU A 261 29.54 21.67 -31.41
CA GLU A 261 28.38 21.79 -32.28
C GLU A 261 27.13 21.06 -31.76
N ASP A 262 27.30 19.87 -31.17
CA ASP A 262 26.18 19.08 -30.63
C ASP A 262 25.60 19.75 -29.39
N GLY A 263 26.46 20.14 -28.43
CA GLY A 263 26.04 20.91 -27.26
C GLY A 263 25.21 22.15 -27.66
N ARG A 264 25.76 22.96 -28.58
CA ARG A 264 25.10 24.17 -29.04
C ARG A 264 23.70 23.85 -29.58
N SER A 265 23.62 22.79 -30.38
CA SER A 265 22.36 22.38 -30.96
C SER A 265 21.35 22.13 -29.83
N LEU A 266 21.78 21.32 -28.86
CA LEU A 266 20.89 20.86 -27.81
C LEU A 266 20.39 22.07 -27.01
N LEU A 267 21.34 22.91 -26.53
CA LEU A 267 21.06 24.09 -25.74
C LEU A 267 20.12 25.01 -26.51
N SER A 268 20.33 25.16 -27.82
CA SER A 268 19.49 26.05 -28.59
C SER A 268 18.03 25.58 -28.53
N GLN A 269 17.84 24.25 -28.48
CA GLN A 269 16.49 23.73 -28.51
C GLN A 269 15.86 23.79 -27.12
N MET A 270 16.69 23.78 -26.08
CA MET A 270 16.19 23.95 -24.74
C MET A 270 15.77 25.41 -24.47
N LEU A 271 16.39 26.37 -25.17
CA LEU A 271 16.16 27.79 -24.95
C LEU A 271 15.41 28.41 -26.13
N HIS A 272 14.60 27.60 -26.82
CA HIS A 272 13.79 28.13 -27.89
C HIS A 272 12.72 29.03 -27.26
N TYR A 273 12.43 30.17 -27.90
CA TYR A 273 11.48 31.10 -27.30
C TYR A 273 10.12 30.42 -27.16
N ASP A 274 9.67 29.84 -28.28
CA ASP A 274 8.31 29.36 -28.39
C ASP A 274 8.18 28.08 -27.58
N PRO A 275 7.40 28.02 -26.48
CA PRO A 275 7.28 26.80 -25.67
C PRO A 275 6.91 25.56 -26.49
N ASN A 276 6.12 25.77 -27.56
CA ASN A 276 5.67 24.70 -28.43
C ASN A 276 6.80 24.05 -29.22
N LYS A 277 7.91 24.79 -29.49
CA LYS A 277 9.04 24.31 -30.28
C LYS A 277 10.18 23.87 -29.37
N ARG A 278 10.13 24.29 -28.11
CA ARG A 278 11.21 23.94 -27.18
C ARG A 278 11.27 22.40 -27.04
N ILE A 279 12.48 21.85 -27.02
CA ILE A 279 12.66 20.41 -26.96
C ILE A 279 12.10 19.85 -25.65
N SER A 280 11.50 18.64 -25.67
CA SER A 280 11.03 17.94 -24.46
C SER A 280 12.16 17.14 -23.80
N ALA A 281 12.06 16.91 -22.47
CA ALA A 281 13.06 16.04 -21.81
C ALA A 281 13.16 14.69 -22.52
N LYS A 282 12.03 14.14 -22.97
CA LYS A 282 11.99 12.82 -23.58
C LYS A 282 12.77 12.82 -24.91
N ALA A 283 12.44 13.72 -25.84
CA ALA A 283 13.19 13.88 -27.10
C ALA A 283 14.68 14.18 -26.91
N ALA A 284 15.04 14.91 -25.87
CA ALA A 284 16.39 15.40 -25.71
C ALA A 284 17.33 14.24 -25.37
N LEU A 285 16.80 13.18 -24.78
CA LEU A 285 17.63 12.04 -24.41
C LEU A 285 18.25 11.37 -25.64
N ALA A 286 17.69 11.64 -26.82
CA ALA A 286 18.15 11.01 -28.06
C ALA A 286 19.08 11.94 -28.80
N HIS A 287 19.36 13.11 -28.23
CA HIS A 287 20.15 14.11 -28.93
C HIS A 287 21.57 13.56 -29.09
N PRO A 288 22.17 13.72 -30.29
CA PRO A 288 23.55 13.29 -30.52
C PRO A 288 24.60 13.79 -29.53
N PHE A 289 24.33 14.90 -28.79
CA PHE A 289 25.19 15.33 -27.71
C PHE A 289 25.51 14.16 -26.78
N PHE A 290 24.56 13.25 -26.60
CA PHE A 290 24.67 12.18 -25.62
C PHE A 290 25.22 10.88 -26.21
N GLN A 291 25.71 10.84 -27.47
CA GLN A 291 26.11 9.59 -28.11
C GLN A 291 27.12 8.81 -27.28
N ASP A 292 28.11 9.49 -26.69
CA ASP A 292 29.25 8.84 -26.07
C ASP A 292 29.17 8.92 -24.54
N VAL A 293 27.98 9.19 -24.02
CA VAL A 293 27.77 9.50 -22.61
C VAL A 293 28.09 8.27 -21.77
N THR A 294 28.77 8.53 -20.64
CA THR A 294 29.05 7.57 -19.57
C THR A 294 28.54 8.15 -18.26
N LYS A 295 28.76 7.45 -17.15
CA LYS A 295 28.45 7.97 -15.82
C LYS A 295 29.70 7.95 -14.92
N PRO A 296 30.65 8.90 -15.08
CA PRO A 296 31.77 8.98 -14.14
C PRO A 296 31.34 9.64 -12.82
N VAL A 297 32.16 9.43 -11.78
CA VAL A 297 31.94 9.95 -10.43
C VAL A 297 32.42 11.39 -10.34
N PRO A 298 31.92 12.20 -9.38
CA PRO A 298 32.38 13.58 -9.21
C PRO A 298 33.89 13.49 -8.91
N HIS A 299 34.63 14.43 -9.50
CA HIS A 299 36.09 14.37 -9.54
C HIS A 299 36.76 15.03 -8.33
N LEU A 300 35.98 15.42 -7.30
CA LEU A 300 36.57 16.25 -6.24
C LEU A 300 36.46 15.61 -4.86
N GLY B 1 0.90 22.72 -29.26
CA GLY B 1 0.13 22.33 -28.07
C GLY B 1 1.00 21.79 -26.94
N VAL B 2 2.10 22.47 -26.56
CA VAL B 2 2.83 22.11 -25.35
C VAL B 2 1.94 22.17 -24.09
N ASN B 3 0.86 22.99 -24.14
CA ASN B 3 -0.15 23.08 -23.11
C ASN B 3 -0.94 21.77 -23.06
N GLU B 4 -1.02 21.09 -24.21
CA GLU B 4 -1.60 19.76 -24.34
C GLU B 4 -0.52 18.67 -24.21
N VAL B 5 0.69 19.02 -23.77
CA VAL B 5 1.79 18.10 -23.53
C VAL B 5 1.78 16.91 -24.50
N PRO B 6 1.96 17.16 -25.81
CA PRO B 6 2.00 16.09 -26.83
C PRO B 6 3.02 14.97 -26.64
N ASP B 7 4.14 15.21 -25.93
CA ASP B 7 5.16 14.17 -25.79
C ASP B 7 4.91 13.25 -24.58
N TYR B 8 3.85 13.54 -23.78
CA TYR B 8 3.64 12.91 -22.48
C TYR B 8 2.18 12.54 -22.24
N HIS B 9 1.25 12.97 -23.12
CA HIS B 9 -0.18 12.78 -22.86
C HIS B 9 -0.56 11.30 -22.71
N GLU B 10 0.02 10.43 -23.55
CA GLU B 10 -0.22 9.00 -23.53
C GLU B 10 0.36 8.37 -22.25
N ASP B 11 1.61 8.71 -21.90
CA ASP B 11 2.21 8.28 -20.65
C ASP B 11 1.32 8.68 -19.46
N ILE B 12 0.82 9.93 -19.48
CA ILE B 12 0.01 10.46 -18.40
C ILE B 12 -1.30 9.69 -18.27
N HIS B 13 -2.01 9.57 -19.40
CA HIS B 13 -3.24 8.81 -19.46
C HIS B 13 -3.03 7.42 -18.86
N THR B 14 -2.01 6.69 -19.37
CA THR B 14 -1.75 5.33 -18.90
C THR B 14 -1.57 5.35 -17.38
N TYR B 15 -0.75 6.30 -16.90
CA TYR B 15 -0.49 6.43 -15.47
C TYR B 15 -1.78 6.68 -14.66
N LEU B 16 -2.65 7.59 -15.11
CA LEU B 16 -3.88 7.88 -14.39
C LEU B 16 -4.73 6.62 -14.29
N ARG B 17 -4.73 5.83 -15.37
CA ARG B 17 -5.51 4.59 -15.44
C ARG B 17 -5.07 3.66 -14.33
N GLU B 18 -3.76 3.59 -14.12
CA GLU B 18 -3.21 2.75 -13.08
C GLU B 18 -3.61 3.32 -11.71
N MET B 19 -3.42 4.64 -11.52
CA MET B 19 -3.72 5.28 -10.27
C MET B 19 -5.21 5.24 -9.91
N GLU B 20 -6.11 5.36 -10.90
CA GLU B 20 -7.54 5.36 -10.56
C GLU B 20 -7.95 4.04 -9.89
N VAL B 21 -7.28 2.95 -10.26
CA VAL B 21 -7.61 1.61 -9.68
C VAL B 21 -7.05 1.55 -8.25
N LYS B 22 -5.93 2.22 -7.99
CA LYS B 22 -5.29 2.17 -6.67
C LYS B 22 -5.97 3.14 -5.70
N CYS B 23 -6.64 4.16 -6.22
CA CYS B 23 -7.30 5.18 -5.36
C CYS B 23 -8.82 4.96 -5.37
N LYS B 24 -9.26 3.74 -5.68
CA LYS B 24 -10.69 3.51 -5.79
C LYS B 24 -11.29 3.28 -4.39
N PRO B 25 -12.47 3.86 -4.08
CA PRO B 25 -13.11 3.56 -2.82
C PRO B 25 -13.70 2.16 -2.81
N LYS B 26 -14.04 1.67 -1.64
CA LYS B 26 -14.72 0.35 -1.55
C LYS B 26 -16.16 0.50 -2.03
N VAL B 27 -16.51 -0.13 -3.14
CA VAL B 27 -17.93 -0.10 -3.57
C VAL B 27 -18.74 -0.74 -2.45
N GLY B 28 -19.64 0.01 -1.83
CA GLY B 28 -20.46 -0.57 -0.77
C GLY B 28 -19.83 -0.43 0.59
N TYR B 29 -19.31 0.75 0.89
CA TYR B 29 -18.76 1.01 2.24
C TYR B 29 -19.90 1.49 3.09
N MET B 30 -20.98 1.94 2.46
CA MET B 30 -22.10 2.54 3.23
C MET B 30 -22.89 1.46 3.97
N LYS B 31 -23.01 0.28 3.38
CA LYS B 31 -23.69 -0.83 4.09
C LYS B 31 -22.88 -1.14 5.35
N LYS B 32 -21.57 -0.96 5.28
CA LYS B 32 -20.68 -1.23 6.41
C LYS B 32 -20.59 -0.02 7.35
N GLN B 33 -21.28 1.08 7.03
CA GLN B 33 -21.29 2.29 7.84
C GLN B 33 -22.58 2.31 8.65
N PRO B 34 -22.50 2.14 10.00
CA PRO B 34 -23.70 1.95 10.81
C PRO B 34 -24.63 3.15 10.89
N ASP B 35 -24.08 4.37 10.78
CA ASP B 35 -24.82 5.56 11.20
C ASP B 35 -24.99 6.60 10.11
N ILE B 36 -24.43 6.35 8.92
CA ILE B 36 -24.58 7.22 7.77
C ILE B 36 -25.09 6.40 6.58
N THR B 37 -25.61 7.11 5.57
CA THR B 37 -26.31 6.54 4.44
C THR B 37 -25.87 7.26 3.18
N ASN B 38 -26.23 6.71 2.02
CA ASN B 38 -25.99 7.35 0.74
C ASN B 38 -26.70 8.69 0.70
N SER B 39 -27.90 8.74 1.30
CA SER B 39 -28.68 9.96 1.38
C SER B 39 -27.90 11.08 2.06
N MET B 40 -27.19 10.75 3.16
CA MET B 40 -26.45 11.75 3.90
C MET B 40 -25.21 12.18 3.13
N ARG B 41 -24.65 11.26 2.33
CA ARG B 41 -23.46 11.57 1.56
C ARG B 41 -23.86 12.51 0.42
N ALA B 42 -25.04 12.27 -0.17
CA ALA B 42 -25.56 13.13 -1.22
C ALA B 42 -25.69 14.55 -0.70
N ILE B 43 -26.21 14.69 0.52
CA ILE B 43 -26.35 15.99 1.17
C ILE B 43 -24.98 16.67 1.34
N LEU B 44 -23.97 15.89 1.73
CA LEU B 44 -22.64 16.40 1.98
C LEU B 44 -22.04 16.90 0.67
N VAL B 45 -22.10 16.05 -0.36
CA VAL B 45 -21.49 16.40 -1.63
C VAL B 45 -22.14 17.65 -2.21
N ASP B 46 -23.48 17.71 -2.12
CA ASP B 46 -24.23 18.82 -2.67
C ASP B 46 -23.81 20.10 -1.97
N TRP B 47 -23.56 20.00 -0.65
CA TRP B 47 -23.10 21.11 0.17
C TRP B 47 -21.72 21.57 -0.33
N LEU B 48 -20.85 20.59 -0.58
CA LEU B 48 -19.50 20.87 -1.03
C LEU B 48 -19.55 21.56 -2.39
N VAL B 49 -20.56 21.25 -3.20
CA VAL B 49 -20.70 21.89 -4.49
C VAL B 49 -20.97 23.39 -4.25
N GLU B 50 -21.85 23.70 -3.31
CA GLU B 50 -22.19 25.07 -2.98
C GLU B 50 -21.01 25.83 -2.37
N VAL B 51 -20.23 25.18 -1.50
CA VAL B 51 -19.04 25.76 -0.92
C VAL B 51 -18.05 26.18 -2.02
N GLY B 52 -17.80 25.27 -2.99
CA GLY B 52 -16.87 25.53 -4.09
C GLY B 52 -17.33 26.68 -5.00
N GLU B 53 -18.65 26.83 -5.17
CA GLU B 53 -19.26 27.91 -5.95
C GLU B 53 -19.05 29.24 -5.23
N GLU B 54 -19.13 29.21 -3.90
CA GLU B 54 -19.11 30.40 -3.05
C GLU B 54 -17.67 30.92 -2.91
N TYR B 55 -16.70 30.01 -2.91
CA TYR B 55 -15.30 30.38 -2.72
C TYR B 55 -14.61 30.36 -4.07
N LYS B 56 -15.42 30.21 -5.13
CA LYS B 56 -14.97 30.24 -6.52
C LYS B 56 -13.82 29.23 -6.70
N LEU B 57 -14.02 27.99 -6.22
CA LEU B 57 -13.03 26.93 -6.27
C LEU B 57 -13.13 26.23 -7.63
N GLN B 58 -12.04 25.59 -8.05
CA GLN B 58 -12.00 24.83 -9.27
C GLN B 58 -12.93 23.62 -9.13
N ASN B 59 -13.34 23.06 -10.27
CA ASN B 59 -14.10 21.82 -10.29
C ASN B 59 -13.21 20.66 -9.81
N GLU B 60 -11.94 20.68 -10.22
CA GLU B 60 -10.99 19.67 -9.80
C GLU B 60 -11.03 19.49 -8.28
N THR B 61 -11.11 20.60 -7.54
CA THR B 61 -11.00 20.59 -6.09
C THR B 61 -12.16 19.82 -5.50
N LEU B 62 -13.35 20.09 -6.01
CA LEU B 62 -14.55 19.38 -5.59
C LEU B 62 -14.34 17.88 -5.79
N HIS B 63 -13.90 17.46 -6.99
CA HIS B 63 -13.69 16.06 -7.31
C HIS B 63 -12.63 15.42 -6.41
N LEU B 64 -11.55 16.14 -6.12
CA LEU B 64 -10.53 15.58 -5.25
C LEU B 64 -11.16 15.32 -3.88
N ALA B 65 -11.94 16.29 -3.40
CA ALA B 65 -12.45 16.22 -2.04
C ALA B 65 -13.35 15.00 -1.89
N VAL B 66 -14.22 14.81 -2.87
CA VAL B 66 -15.14 13.69 -2.86
C VAL B 66 -14.34 12.38 -2.80
N ASN B 67 -13.26 12.28 -3.60
CA ASN B 67 -12.37 11.14 -3.60
C ASN B 67 -11.82 10.89 -2.20
N TYR B 68 -11.41 11.97 -1.51
CA TYR B 68 -10.79 11.85 -0.21
C TYR B 68 -11.82 11.33 0.79
N ILE B 69 -13.05 11.85 0.66
CA ILE B 69 -14.13 11.51 1.58
C ILE B 69 -14.46 10.02 1.43
N ASP B 70 -14.61 9.57 0.18
CA ASP B 70 -15.02 8.21 -0.09
C ASP B 70 -13.95 7.21 0.35
N ARG B 71 -12.66 7.59 0.16
CA ARG B 71 -11.56 6.74 0.55
C ARG B 71 -11.51 6.66 2.08
N PHE B 72 -11.65 7.83 2.73
CA PHE B 72 -11.74 7.90 4.17
C PHE B 72 -12.85 6.97 4.71
N LEU B 73 -14.07 7.11 4.17
CA LEU B 73 -15.20 6.40 4.71
C LEU B 73 -15.11 4.92 4.35
N SER B 74 -14.13 4.54 3.53
CA SER B 74 -13.94 3.16 3.14
C SER B 74 -13.29 2.37 4.27
N SER B 75 -12.56 3.06 5.16
CA SER B 75 -11.85 2.42 6.26
C SER B 75 -12.20 2.98 7.63
N MET B 76 -12.92 4.11 7.69
CA MET B 76 -13.18 4.82 8.95
C MET B 76 -14.69 5.00 9.16
N SER B 77 -15.15 4.39 10.24
CA SER B 77 -16.55 4.45 10.64
C SER B 77 -16.80 5.85 11.23
N VAL B 78 -17.87 6.53 10.81
CA VAL B 78 -18.15 7.91 11.20
C VAL B 78 -19.61 8.10 11.62
N LEU B 79 -19.82 8.79 12.76
CA LEU B 79 -21.14 9.21 13.25
C LEU B 79 -21.64 10.42 12.44
N ARG B 80 -22.95 10.44 12.19
CA ARG B 80 -23.57 11.44 11.33
C ARG B 80 -23.23 12.86 11.78
N GLY B 81 -23.05 13.05 13.10
CA GLY B 81 -22.64 14.30 13.72
C GLY B 81 -21.27 14.79 13.22
N LYS B 82 -20.46 13.85 12.68
CA LYS B 82 -19.08 14.11 12.34
C LYS B 82 -18.86 14.06 10.83
N LEU B 83 -19.89 13.66 10.06
CA LEU B 83 -19.69 13.48 8.62
C LEU B 83 -19.25 14.79 7.96
N GLN B 84 -19.71 15.92 8.49
CA GLN B 84 -19.46 17.23 7.88
C GLN B 84 -18.03 17.68 8.20
N LEU B 85 -17.52 17.27 9.35
CA LEU B 85 -16.15 17.57 9.71
C LEU B 85 -15.20 16.85 8.77
N VAL B 86 -15.51 15.58 8.43
CA VAL B 86 -14.72 14.85 7.44
C VAL B 86 -14.72 15.66 6.13
N GLY B 87 -15.91 15.88 5.59
CA GLY B 87 -16.10 16.72 4.40
C GLY B 87 -15.33 18.05 4.44
N THR B 88 -15.42 18.80 5.53
CA THR B 88 -14.75 20.09 5.61
C THR B 88 -13.24 19.90 5.46
N ALA B 89 -12.67 18.92 6.18
CA ALA B 89 -11.23 18.70 6.12
C ALA B 89 -10.83 18.20 4.73
N ALA B 90 -11.66 17.34 4.13
CA ALA B 90 -11.41 16.90 2.78
C ALA B 90 -11.28 18.11 1.84
N MET B 91 -12.22 19.06 1.92
CA MET B 91 -12.27 20.19 1.00
C MET B 91 -11.05 21.09 1.26
N LEU B 92 -10.64 21.21 2.55
CA LEU B 92 -9.46 21.99 2.91
C LEU B 92 -8.21 21.40 2.27
N LEU B 93 -8.02 20.08 2.44
CA LEU B 93 -6.90 19.39 1.86
C LEU B 93 -6.90 19.54 0.35
N ALA B 94 -8.03 19.26 -0.30
CA ALA B 94 -8.20 19.43 -1.74
C ALA B 94 -7.80 20.84 -2.18
N SER B 95 -8.30 21.85 -1.48
CA SER B 95 -8.02 23.24 -1.78
C SER B 95 -6.52 23.51 -1.69
N LYS B 96 -5.88 23.13 -0.57
CA LYS B 96 -4.44 23.31 -0.44
C LYS B 96 -3.67 22.57 -1.53
N PHE B 97 -4.20 21.44 -2.00
CA PHE B 97 -3.53 20.69 -3.06
C PHE B 97 -3.64 21.40 -4.41
N GLU B 98 -4.85 21.84 -4.76
CA GLU B 98 -5.19 22.13 -6.14
C GLU B 98 -5.29 23.63 -6.45
N GLU B 99 -5.61 24.46 -5.44
CA GLU B 99 -5.93 25.87 -5.63
C GLU B 99 -4.70 26.77 -5.48
N ILE B 100 -4.60 27.76 -6.37
CA ILE B 100 -3.60 28.79 -6.31
C ILE B 100 -3.77 29.51 -4.99
N TYR B 101 -5.04 29.86 -4.68
CA TYR B 101 -5.40 30.60 -3.48
C TYR B 101 -6.42 29.83 -2.64
N PRO B 102 -6.00 28.87 -1.80
CA PRO B 102 -6.97 28.13 -1.00
C PRO B 102 -7.63 29.13 -0.06
N PRO B 103 -8.90 28.90 0.33
CA PRO B 103 -9.50 29.69 1.42
C PRO B 103 -8.76 29.37 2.72
N GLU B 104 -8.72 30.34 3.64
CA GLU B 104 -8.03 30.11 4.90
C GLU B 104 -8.88 29.17 5.76
N VAL B 105 -8.22 28.51 6.72
CA VAL B 105 -8.86 27.56 7.61
C VAL B 105 -10.10 28.19 8.23
N ALA B 106 -9.94 29.41 8.78
CA ALA B 106 -11.04 30.09 9.40
C ALA B 106 -12.27 30.10 8.50
N GLU B 107 -12.06 30.29 7.19
CA GLU B 107 -13.19 30.33 6.27
C GLU B 107 -13.90 28.99 6.20
N PHE B 108 -13.13 27.89 6.30
CA PHE B 108 -13.73 26.56 6.38
C PHE B 108 -14.53 26.39 7.68
N VAL B 109 -13.99 26.87 8.82
CA VAL B 109 -14.75 26.79 10.05
C VAL B 109 -16.08 27.55 9.89
N TYR B 110 -16.03 28.74 9.28
CA TYR B 110 -17.18 29.62 9.16
C TYR B 110 -18.33 28.98 8.38
N ILE B 111 -18.01 28.22 7.32
CA ILE B 111 -19.02 27.64 6.44
C ILE B 111 -19.71 26.43 7.09
N THR B 112 -19.21 26.00 8.24
CA THR B 112 -19.83 24.90 8.98
C THR B 112 -20.72 25.47 10.06
N ASP B 113 -20.91 26.79 10.07
CA ASP B 113 -21.80 27.47 11.05
C ASP B 113 -21.37 27.12 12.47
N ASP B 114 -20.08 27.27 12.77
CA ASP B 114 -19.57 27.05 14.15
C ASP B 114 -20.00 25.69 14.69
N THR B 115 -20.44 24.78 13.83
CA THR B 115 -20.71 23.42 14.29
C THR B 115 -19.42 22.83 14.87
N TYR B 116 -18.30 23.25 14.30
CA TYR B 116 -17.01 22.68 14.65
C TYR B 116 -16.02 23.80 14.91
N THR B 117 -14.97 23.45 15.65
CA THR B 117 -13.95 24.40 16.05
C THR B 117 -12.82 24.34 15.03
N LYS B 118 -11.97 25.39 15.03
CA LYS B 118 -10.78 25.43 14.19
C LYS B 118 -9.89 24.24 14.53
N LYS B 119 -9.81 23.94 15.84
CA LYS B 119 -8.99 22.87 16.36
C LYS B 119 -9.49 21.53 15.83
N GLN B 120 -10.79 21.33 15.81
CA GLN B 120 -11.37 20.06 15.31
C GLN B 120 -11.04 19.85 13.82
N VAL B 121 -11.20 20.90 13.02
CA VAL B 121 -10.98 20.80 11.55
C VAL B 121 -9.51 20.43 11.28
N LEU B 122 -8.59 21.13 11.92
CA LEU B 122 -7.16 20.89 11.64
C LEU B 122 -6.76 19.49 12.14
N ARG B 123 -7.50 18.98 13.13
CA ARG B 123 -7.17 17.65 13.69
C ARG B 123 -7.71 16.58 12.74
N MET B 124 -8.86 16.84 12.13
CA MET B 124 -9.39 15.90 11.11
C MET B 124 -8.49 16.02 9.87
N GLU B 125 -7.96 17.21 9.60
CA GLU B 125 -7.04 17.35 8.48
C GLU B 125 -5.92 16.31 8.65
N HIS B 126 -5.30 16.31 9.82
CA HIS B 126 -4.22 15.39 10.12
C HIS B 126 -4.73 13.95 9.99
N LEU B 127 -5.91 13.67 10.54
CA LEU B 127 -6.40 12.30 10.54
C LEU B 127 -6.62 11.79 9.12
N VAL B 128 -7.23 12.62 8.25
CA VAL B 128 -7.44 12.28 6.85
C VAL B 128 -6.11 12.07 6.14
N LEU B 129 -5.14 12.96 6.38
CA LEU B 129 -3.79 12.77 5.86
C LEU B 129 -3.24 11.42 6.30
N LYS B 130 -3.41 11.05 7.57
CA LYS B 130 -2.92 9.79 8.09
C LYS B 130 -3.66 8.63 7.39
N VAL B 131 -4.97 8.74 7.21
CA VAL B 131 -5.75 7.62 6.71
C VAL B 131 -5.40 7.39 5.23
N LEU B 132 -5.24 8.48 4.49
CA LEU B 132 -4.93 8.40 3.07
C LEU B 132 -3.43 8.24 2.83
N ALA B 133 -2.60 8.30 3.90
CA ALA B 133 -1.15 8.23 3.87
C ALA B 133 -0.58 9.20 2.84
N PHE B 134 -1.11 10.44 2.90
CA PHE B 134 -0.80 11.57 2.03
C PHE B 134 -1.02 11.24 0.55
N ASP B 135 -1.79 10.19 0.25
CA ASP B 135 -1.94 9.81 -1.15
C ASP B 135 -3.03 10.67 -1.80
N LEU B 136 -2.67 11.91 -2.16
CA LEU B 136 -3.67 12.93 -2.48
C LEU B 136 -3.73 13.24 -3.98
N ALA B 137 -2.72 12.84 -4.75
CA ALA B 137 -2.70 13.13 -6.18
C ALA B 137 -3.56 12.09 -6.92
N ALA B 138 -4.88 12.16 -6.73
CA ALA B 138 -5.80 11.16 -7.24
C ALA B 138 -6.34 11.57 -8.59
N PRO B 139 -6.47 10.63 -9.55
CA PRO B 139 -7.14 10.90 -10.82
C PRO B 139 -8.60 11.15 -10.50
N THR B 140 -9.18 12.15 -11.19
CA THR B 140 -10.58 12.54 -11.12
C THR B 140 -11.25 12.34 -12.48
N ILE B 141 -12.59 12.44 -12.52
CA ILE B 141 -13.33 12.43 -13.76
C ILE B 141 -12.84 13.55 -14.67
N ASN B 142 -12.52 14.72 -14.11
CA ASN B 142 -12.18 15.88 -14.94
C ASN B 142 -10.88 15.66 -15.71
N GLN B 143 -9.91 15.06 -15.01
CA GLN B 143 -8.59 14.84 -15.57
C GLN B 143 -8.71 13.98 -16.82
N PHE B 144 -9.66 13.01 -16.79
CA PHE B 144 -9.96 12.21 -17.96
C PHE B 144 -10.74 13.04 -18.98
N LEU B 145 -11.82 13.72 -18.55
CA LEU B 145 -12.64 14.53 -19.44
C LEU B 145 -11.83 15.51 -20.30
N THR B 146 -10.87 16.24 -19.69
CA THR B 146 -10.13 17.28 -20.40
C THR B 146 -9.32 16.66 -21.53
N GLN B 147 -8.81 15.45 -21.33
CA GLN B 147 -8.08 14.76 -22.39
C GLN B 147 -9.04 14.31 -23.49
N TYR B 148 -10.21 13.77 -23.09
CA TYR B 148 -11.20 13.33 -24.06
C TYR B 148 -11.66 14.53 -24.90
N PHE B 149 -11.84 15.68 -24.25
CA PHE B 149 -12.26 16.87 -24.96
C PHE B 149 -11.36 17.16 -26.16
N LEU B 150 -10.06 16.89 -26.04
CA LEU B 150 -9.11 17.07 -27.15
C LEU B 150 -9.49 16.30 -28.42
N HIS B 151 -10.44 15.34 -28.36
CA HIS B 151 -10.75 14.54 -29.52
C HIS B 151 -11.95 15.07 -30.32
N GLN B 152 -12.47 16.25 -29.93
CA GLN B 152 -13.62 16.84 -30.59
C GLN B 152 -13.21 17.40 -31.96
N GLN B 153 -14.10 17.24 -32.95
CA GLN B 153 -13.90 17.70 -34.32
C GLN B 153 -15.10 18.56 -34.76
N PRO B 154 -15.18 19.90 -34.46
CA PRO B 154 -14.26 20.63 -33.56
C PRO B 154 -14.76 20.80 -32.13
N ALA B 155 -13.97 21.53 -31.32
CA ALA B 155 -14.31 21.80 -29.93
C ALA B 155 -15.66 22.51 -29.88
N ASN B 156 -16.52 22.04 -28.97
CA ASN B 156 -17.83 22.62 -28.75
C ASN B 156 -17.99 22.82 -27.26
N CYS B 157 -18.09 24.08 -26.83
CA CYS B 157 -18.19 24.49 -25.43
C CYS B 157 -19.35 23.80 -24.71
N LYS B 158 -20.52 23.75 -25.40
CA LYS B 158 -21.74 23.16 -24.91
C LYS B 158 -21.47 21.70 -24.52
N VAL B 159 -20.76 20.96 -25.40
CA VAL B 159 -20.35 19.59 -25.11
C VAL B 159 -19.46 19.56 -23.87
N GLU B 160 -18.45 20.44 -23.84
CA GLU B 160 -17.49 20.43 -22.75
C GLU B 160 -18.20 20.66 -21.44
N SER B 161 -19.12 21.63 -21.40
CA SER B 161 -19.74 22.01 -20.14
C SER B 161 -20.75 20.94 -19.72
N LEU B 162 -21.52 20.44 -20.68
CA LEU B 162 -22.52 19.42 -20.39
C LEU B 162 -21.87 18.16 -19.80
N ALA B 163 -20.69 17.77 -20.30
CA ALA B 163 -19.99 16.59 -19.80
C ALA B 163 -19.47 16.82 -18.39
N MET B 164 -18.93 18.02 -18.12
CA MET B 164 -18.55 18.43 -16.78
C MET B 164 -19.73 18.28 -15.79
N PHE B 165 -20.89 18.85 -16.17
CA PHE B 165 -22.10 18.82 -15.39
C PHE B 165 -22.52 17.38 -15.07
N LEU B 166 -22.52 16.50 -16.07
CA LEU B 166 -22.98 15.14 -15.85
C LEU B 166 -22.00 14.41 -14.92
N GLY B 167 -20.71 14.58 -15.17
CA GLY B 167 -19.71 13.96 -14.32
C GLY B 167 -19.91 14.43 -12.87
N GLU B 168 -20.27 15.70 -12.70
CA GLU B 168 -20.46 16.23 -11.35
C GLU B 168 -21.67 15.56 -10.72
N LEU B 169 -22.77 15.44 -11.48
CA LEU B 169 -23.96 14.80 -10.97
C LEU B 169 -23.65 13.45 -10.35
N SER B 170 -22.74 12.67 -10.95
CA SER B 170 -22.38 11.32 -10.49
C SER B 170 -21.72 11.33 -9.11
N LEU B 171 -21.01 12.42 -8.72
CA LEU B 171 -20.42 12.56 -7.40
C LEU B 171 -21.46 12.44 -6.28
N ILE B 172 -22.71 12.81 -6.61
CA ILE B 172 -23.76 12.92 -5.61
C ILE B 172 -24.20 11.54 -5.11
N ASP B 173 -24.29 10.55 -6.01
CA ASP B 173 -25.02 9.31 -5.77
C ASP B 173 -24.07 8.11 -5.69
N ALA B 174 -23.58 7.80 -4.49
CA ALA B 174 -22.66 6.69 -4.28
C ALA B 174 -23.20 5.41 -4.92
N ASP B 175 -24.51 5.20 -4.82
CA ASP B 175 -25.20 4.14 -5.56
C ASP B 175 -25.92 4.80 -6.73
N PRO B 176 -25.56 4.52 -8.02
CA PRO B 176 -24.62 3.45 -8.38
C PRO B 176 -23.15 3.76 -8.61
N TYR B 177 -22.75 5.04 -8.60
CA TYR B 177 -21.55 5.51 -9.29
C TYR B 177 -20.22 5.11 -8.62
N LEU B 178 -20.24 4.69 -7.35
CA LEU B 178 -19.04 4.17 -6.70
C LEU B 178 -18.51 2.93 -7.42
N LYS B 179 -19.31 2.31 -8.29
CA LYS B 179 -18.91 1.05 -8.88
C LYS B 179 -18.21 1.29 -10.22
N TYR B 180 -18.25 2.52 -10.73
CA TYR B 180 -17.55 2.88 -11.96
C TYR B 180 -16.35 3.77 -11.62
N LEU B 181 -15.27 3.59 -12.41
CA LEU B 181 -14.04 4.36 -12.30
C LEU B 181 -14.21 5.73 -12.95
N PRO B 182 -13.45 6.74 -12.50
CA PRO B 182 -13.46 8.06 -13.14
C PRO B 182 -13.37 8.01 -14.66
N SER B 183 -12.40 7.26 -15.20
CA SER B 183 -12.17 7.17 -16.64
C SER B 183 -13.42 6.71 -17.38
N VAL B 184 -14.22 5.81 -16.75
CA VAL B 184 -15.44 5.28 -17.33
C VAL B 184 -16.60 6.27 -17.21
N ILE B 185 -16.85 6.83 -16.03
CA ILE B 185 -17.86 7.87 -15.95
C ILE B 185 -17.57 9.02 -16.93
N ALA B 186 -16.28 9.40 -17.07
CA ALA B 186 -15.93 10.50 -17.95
C ALA B 186 -16.26 10.14 -19.39
N ALA B 187 -16.01 8.88 -19.78
CA ALA B 187 -16.35 8.43 -21.11
C ALA B 187 -17.87 8.47 -21.30
N ALA B 188 -18.63 7.97 -20.32
CA ALA B 188 -20.08 8.01 -20.40
C ALA B 188 -20.58 9.45 -20.50
N ALA B 189 -20.06 10.29 -19.59
CA ALA B 189 -20.43 11.69 -19.57
C ALA B 189 -20.13 12.34 -20.92
N PHE B 190 -18.95 12.05 -21.50
CA PHE B 190 -18.53 12.67 -22.74
C PHE B 190 -19.50 12.27 -23.86
N HIS B 191 -19.73 10.96 -24.00
CA HIS B 191 -20.60 10.45 -25.05
C HIS B 191 -22.01 11.02 -24.91
N LEU B 192 -22.51 11.04 -23.67
CA LEU B 192 -23.86 11.51 -23.44
C LEU B 192 -23.95 12.99 -23.82
N ALA B 193 -22.93 13.77 -23.45
CA ALA B 193 -22.92 15.20 -23.75
C ALA B 193 -22.85 15.42 -25.26
N LEU B 194 -21.98 14.64 -25.92
CA LEU B 194 -21.72 14.76 -27.34
C LEU B 194 -22.99 14.44 -28.12
N TYR B 195 -23.69 13.37 -27.71
CA TYR B 195 -24.89 12.92 -28.39
C TYR B 195 -26.00 13.96 -28.22
N THR B 196 -26.27 14.33 -26.97
CA THR B 196 -27.23 15.38 -26.64
C THR B 196 -27.02 16.62 -27.51
N VAL B 197 -25.81 17.15 -27.61
CA VAL B 197 -25.58 18.47 -28.19
C VAL B 197 -25.52 18.39 -29.71
N THR B 198 -24.65 17.50 -30.24
CA THR B 198 -24.31 17.43 -31.66
C THR B 198 -24.88 16.20 -32.36
N GLY B 199 -25.46 15.26 -31.60
CA GLY B 199 -25.97 14.04 -32.19
C GLY B 199 -24.89 12.98 -32.39
N GLN B 200 -23.61 13.36 -32.29
CA GLN B 200 -22.55 12.42 -32.61
C GLN B 200 -22.29 11.49 -31.44
N SER B 201 -21.34 10.56 -31.62
CA SER B 201 -21.11 9.53 -30.58
C SER B 201 -19.63 9.30 -30.27
N TRP B 202 -19.33 8.54 -29.22
CA TRP B 202 -17.95 8.20 -28.82
C TRP B 202 -17.07 8.01 -30.03
N PRO B 203 -15.96 8.76 -30.14
CA PRO B 203 -15.08 8.73 -31.33
C PRO B 203 -14.15 7.51 -31.42
N GLU B 204 -13.99 6.96 -32.63
CA GLU B 204 -13.02 5.92 -32.86
C GLU B 204 -11.73 6.26 -32.11
N SER B 205 -11.30 7.53 -32.23
CA SER B 205 -10.02 7.95 -31.69
C SER B 205 -9.98 7.73 -30.17
N LEU B 206 -11.13 7.81 -29.49
CA LEU B 206 -11.17 7.57 -28.05
C LEU B 206 -11.22 6.08 -27.75
N VAL B 207 -11.80 5.29 -28.67
CA VAL B 207 -11.65 3.86 -28.60
C VAL B 207 -10.16 3.48 -28.66
N GLN B 208 -9.42 4.10 -29.58
CA GLN B 208 -7.98 3.88 -29.69
C GLN B 208 -7.24 4.22 -28.39
N LYS B 209 -7.55 5.39 -27.80
CA LYS B 209 -6.86 5.89 -26.62
C LYS B 209 -7.23 5.06 -25.40
N THR B 210 -8.53 4.81 -25.18
CA THR B 210 -9.03 4.28 -23.92
C THR B 210 -9.19 2.77 -23.95
N GLY B 211 -9.51 2.20 -25.10
CA GLY B 211 -9.90 0.80 -25.14
C GLY B 211 -11.40 0.60 -24.90
N TYR B 212 -12.09 1.63 -24.41
CA TYR B 212 -13.52 1.57 -24.16
C TYR B 212 -14.28 1.70 -25.47
N THR B 213 -15.41 0.99 -25.58
CA THR B 213 -16.38 1.11 -26.65
C THR B 213 -17.74 1.42 -26.02
N LEU B 214 -18.73 1.72 -26.87
CA LEU B 214 -20.08 1.91 -26.36
C LEU B 214 -20.55 0.64 -25.68
N GLU B 215 -20.03 -0.51 -26.15
CA GLU B 215 -20.33 -1.80 -25.53
C GLU B 215 -19.92 -1.78 -24.06
N THR B 216 -18.65 -1.42 -23.80
CA THR B 216 -18.11 -1.47 -22.45
C THR B 216 -18.70 -0.34 -21.60
N LEU B 217 -19.06 0.81 -22.21
CA LEU B 217 -19.57 1.98 -21.51
C LEU B 217 -21.07 1.90 -21.22
N LYS B 218 -21.77 0.96 -21.87
CA LYS B 218 -23.22 0.87 -21.86
C LYS B 218 -23.80 0.88 -20.44
N PRO B 219 -23.39 0.00 -19.50
CA PRO B 219 -23.95 0.02 -18.15
C PRO B 219 -23.90 1.39 -17.45
N CYS B 220 -22.73 2.01 -17.43
CA CYS B 220 -22.56 3.33 -16.83
C CYS B 220 -23.44 4.37 -17.54
N LEU B 221 -23.40 4.33 -18.88
CA LEU B 221 -24.22 5.16 -19.74
C LEU B 221 -25.71 5.05 -19.39
N LEU B 222 -26.22 3.83 -19.17
CA LEU B 222 -27.63 3.68 -18.85
C LEU B 222 -27.94 4.31 -17.50
N ASP B 223 -27.03 4.17 -16.55
CA ASP B 223 -27.19 4.81 -15.25
C ASP B 223 -27.13 6.34 -15.38
N LEU B 224 -26.17 6.86 -16.16
CA LEU B 224 -25.95 8.31 -16.27
C LEU B 224 -27.13 8.95 -17.00
N HIS B 225 -27.61 8.28 -18.04
CA HIS B 225 -28.77 8.72 -18.79
C HIS B 225 -30.00 8.82 -17.88
N GLN B 226 -30.16 7.86 -16.95
CA GLN B 226 -31.22 7.94 -15.96
C GLN B 226 -31.02 9.17 -15.09
N THR B 227 -29.80 9.36 -14.56
CA THR B 227 -29.56 10.43 -13.61
C THR B 227 -29.90 11.78 -14.25
N TYR B 228 -29.52 11.94 -15.54
CA TYR B 228 -29.80 13.14 -16.31
C TYR B 228 -31.32 13.38 -16.39
N LEU B 229 -32.09 12.36 -16.79
CA LEU B 229 -33.54 12.48 -16.92
C LEU B 229 -34.19 12.91 -15.61
N ARG B 230 -33.75 12.32 -14.49
CA ARG B 230 -34.41 12.52 -13.21
C ARG B 230 -33.81 13.70 -12.43
N ALA B 231 -32.89 14.46 -13.04
CA ALA B 231 -32.08 15.40 -12.27
C ALA B 231 -32.92 16.60 -11.81
N PRO B 232 -33.92 17.06 -12.60
CA PRO B 232 -34.85 18.07 -12.11
C PRO B 232 -35.62 17.69 -10.86
N GLN B 233 -35.79 16.38 -10.63
CA GLN B 233 -36.52 15.86 -9.50
C GLN B 233 -35.62 15.53 -8.32
N HIS B 234 -34.32 15.27 -8.56
CA HIS B 234 -33.43 14.87 -7.48
C HIS B 234 -33.60 15.81 -6.29
N ALA B 235 -33.42 15.29 -5.09
CA ALA B 235 -33.55 16.08 -3.87
C ALA B 235 -32.40 17.09 -3.77
N GLN B 236 -31.26 16.80 -4.41
CA GLN B 236 -30.12 17.71 -4.43
C GLN B 236 -30.07 18.44 -5.76
N GLN B 237 -29.97 19.78 -5.70
CA GLN B 237 -30.15 20.64 -6.86
C GLN B 237 -29.01 21.66 -7.04
N SER B 238 -27.97 21.60 -6.19
CA SER B 238 -26.90 22.58 -6.24
C SER B 238 -26.15 22.55 -7.56
N ILE B 239 -25.90 21.37 -8.10
CA ILE B 239 -25.18 21.24 -9.35
C ILE B 239 -26.01 21.79 -10.51
N ARG B 240 -27.32 21.57 -10.52
CA ARG B 240 -28.14 22.10 -11.60
C ARG B 240 -28.15 23.63 -11.56
N GLU B 241 -28.35 24.19 -10.35
CA GLU B 241 -28.33 25.64 -10.12
C GLU B 241 -26.99 26.20 -10.63
N LYS B 242 -25.90 25.53 -10.25
CA LYS B 242 -24.55 25.92 -10.60
C LYS B 242 -24.39 25.97 -12.12
N TYR B 243 -24.95 24.98 -12.82
CA TYR B 243 -24.73 24.85 -14.25
C TYR B 243 -25.79 25.59 -15.08
N LYS B 244 -26.60 26.45 -14.45
CA LYS B 244 -27.42 27.43 -15.14
C LYS B 244 -26.57 28.65 -15.50
N ASN B 245 -25.52 28.85 -14.69
CA ASN B 245 -24.66 30.01 -14.81
C ASN B 245 -24.05 30.03 -16.20
N SER B 246 -23.84 31.25 -16.73
CA SER B 246 -23.30 31.46 -18.06
C SER B 246 -21.88 30.88 -18.17
N LYS B 247 -21.09 30.99 -17.10
CA LYS B 247 -19.76 30.42 -17.03
C LYS B 247 -19.73 29.04 -17.66
N TYR B 248 -20.82 28.27 -17.48
CA TYR B 248 -20.90 26.89 -17.92
C TYR B 248 -21.89 26.74 -19.08
N HIS B 249 -22.29 27.88 -19.68
CA HIS B 249 -23.10 27.90 -20.89
C HIS B 249 -24.54 27.46 -20.63
N GLY B 250 -24.99 27.55 -19.37
CA GLY B 250 -26.36 27.26 -18.99
C GLY B 250 -26.77 25.83 -19.35
N VAL B 251 -25.82 24.88 -19.33
CA VAL B 251 -26.10 23.58 -19.92
C VAL B 251 -27.16 22.78 -19.16
N SER B 252 -27.38 23.04 -17.86
CA SER B 252 -28.39 22.35 -17.08
C SER B 252 -29.81 22.66 -17.59
N LEU B 253 -29.91 23.60 -18.54
CA LEU B 253 -31.19 23.97 -19.14
C LEU B 253 -31.45 23.18 -20.43
N LEU B 254 -30.42 22.50 -20.98
CA LEU B 254 -30.55 21.68 -22.18
C LEU B 254 -31.42 20.47 -21.85
N ASN B 255 -32.21 19.98 -22.82
CA ASN B 255 -33.11 18.87 -22.55
C ASN B 255 -32.39 17.56 -22.76
N PRO B 256 -32.40 16.62 -21.77
CA PRO B 256 -31.81 15.29 -21.96
C PRO B 256 -32.53 14.62 -23.13
N PRO B 257 -31.84 13.73 -23.90
CA PRO B 257 -32.51 13.00 -24.98
C PRO B 257 -33.37 11.89 -24.34
N GLU B 258 -34.53 11.61 -24.97
CA GLU B 258 -35.48 10.65 -24.41
C GLU B 258 -34.94 9.23 -24.52
N THR B 259 -34.20 8.94 -25.60
CA THR B 259 -33.55 7.64 -25.86
C THR B 259 -32.12 7.85 -26.33
N LEU B 260 -31.32 6.75 -26.30
CA LEU B 260 -29.91 6.75 -26.65
C LEU B 260 -29.61 5.99 -27.95
N ASN B 261 -30.50 5.03 -28.29
CA ASN B 261 -30.33 4.13 -29.44
C ASN B 261 -28.98 3.40 -29.33
N VAL B 262 -28.76 2.69 -28.20
CA VAL B 262 -27.46 2.14 -27.85
C VAL B 262 -27.59 0.61 -27.66
N SER C 4 -0.48 10.08 19.43
CA SER C 4 -0.76 8.77 18.78
C SER C 4 -2.19 8.35 19.13
N MET C 5 -2.43 8.34 20.45
CA MET C 5 -3.69 7.94 21.03
C MET C 5 -4.47 9.19 21.45
N GLU C 6 -4.03 10.36 20.97
CA GLU C 6 -4.61 11.60 21.47
C GLU C 6 -6.04 11.75 20.94
N ASN C 7 -6.36 10.96 19.90
CA ASN C 7 -7.68 10.89 19.28
C ASN C 7 -8.67 10.05 20.08
N PHE C 8 -8.16 9.25 21.02
CA PHE C 8 -8.98 8.29 21.73
C PHE C 8 -9.21 8.75 23.16
N GLN C 9 -10.49 8.74 23.56
CA GLN C 9 -10.90 8.96 24.93
C GLN C 9 -11.36 7.64 25.56
N LYS C 10 -10.69 7.22 26.65
CA LYS C 10 -11.16 6.08 27.43
C LYS C 10 -12.58 6.32 27.95
N VAL C 11 -13.39 5.26 28.02
CA VAL C 11 -14.74 5.30 28.59
C VAL C 11 -14.77 4.45 29.87
N GLU C 12 -14.43 3.16 29.75
CA GLU C 12 -14.35 2.24 30.87
C GLU C 12 -13.43 1.07 30.52
N LYS C 13 -13.00 0.33 31.56
CA LYS C 13 -12.27 -0.92 31.40
C LYS C 13 -13.29 -2.01 31.10
N ILE C 14 -12.99 -2.90 30.14
CA ILE C 14 -13.94 -3.93 29.75
C ILE C 14 -13.31 -5.30 29.83
N GLY C 15 -12.34 -5.47 30.72
CA GLY C 15 -11.77 -6.77 30.95
C GLY C 15 -10.25 -6.72 30.92
N GLU C 16 -9.64 -7.89 31.08
CA GLU C 16 -8.20 -8.08 31.02
C GLU C 16 -7.89 -9.19 30.02
N GLY C 17 -6.67 -9.74 30.09
CA GLY C 17 -6.13 -10.74 29.16
C GLY C 17 -4.72 -11.12 29.57
N THR C 18 -4.20 -12.26 29.07
CA THR C 18 -2.90 -12.72 29.60
C THR C 18 -1.80 -11.76 29.15
N TYR C 19 -2.10 -10.98 28.10
CA TYR C 19 -1.17 -9.97 27.61
C TYR C 19 -1.83 -8.60 27.42
N GLY C 20 -3.17 -8.54 27.38
CA GLY C 20 -3.82 -7.25 27.14
C GLY C 20 -4.67 -6.75 28.31
N VAL C 21 -4.67 -5.43 28.56
CA VAL C 21 -5.80 -4.82 29.25
C VAL C 21 -6.72 -4.19 28.21
N VAL C 22 -8.05 -4.39 28.33
CA VAL C 22 -8.98 -3.96 27.29
C VAL C 22 -9.92 -2.84 27.76
N TYR C 23 -9.90 -1.71 27.03
CA TYR C 23 -10.78 -0.59 27.30
C TYR C 23 -11.71 -0.33 26.13
N LYS C 24 -12.93 0.10 26.44
CA LYS C 24 -13.80 0.72 25.47
C LYS C 24 -13.39 2.17 25.40
N ALA C 25 -13.33 2.72 24.19
CA ALA C 25 -12.95 4.11 24.00
C ALA C 25 -13.71 4.70 22.82
N ARG C 26 -13.58 6.02 22.67
CA ARG C 26 -14.28 6.83 21.69
C ARG C 26 -13.26 7.62 20.87
N ASN C 27 -13.34 7.47 19.54
CA ASN C 27 -12.60 8.34 18.63
C ASN C 27 -13.22 9.72 18.70
N LYS C 28 -12.44 10.71 19.11
CA LYS C 28 -12.98 12.04 19.34
C LYS C 28 -13.39 12.72 18.03
N LEU C 29 -12.75 12.35 16.92
CA LEU C 29 -12.98 13.06 15.67
C LEU C 29 -14.13 12.42 14.88
N THR C 30 -14.19 11.06 14.89
CA THR C 30 -15.18 10.35 14.10
C THR C 30 -16.40 9.96 14.94
N GLY C 31 -16.24 9.79 16.26
CA GLY C 31 -17.35 9.32 17.08
C GLY C 31 -17.44 7.80 17.20
N GLU C 32 -16.64 7.08 16.40
CA GLU C 32 -16.58 5.63 16.45
C GLU C 32 -16.18 5.18 17.85
N VAL C 33 -16.87 4.13 18.33
CA VAL C 33 -16.57 3.49 19.61
C VAL C 33 -15.71 2.28 19.30
N VAL C 34 -14.67 2.06 20.10
CA VAL C 34 -13.69 1.03 19.78
C VAL C 34 -13.32 0.28 21.06
N ALA C 35 -12.67 -0.86 20.89
CA ALA C 35 -12.03 -1.54 22.00
C ALA C 35 -10.54 -1.45 21.77
N LEU C 36 -9.79 -0.99 22.77
CA LEU C 36 -8.34 -0.87 22.66
C LEU C 36 -7.73 -1.98 23.50
N LYS C 37 -6.95 -2.88 22.87
CA LYS C 37 -6.18 -3.86 23.62
C LYS C 37 -4.76 -3.33 23.75
N LYS C 38 -4.34 -3.02 24.98
CA LYS C 38 -3.03 -2.46 25.25
C LYS C 38 -2.08 -3.58 25.67
N ILE C 39 -1.01 -3.80 24.90
CA ILE C 39 0.00 -4.82 25.14
C ILE C 39 1.31 -4.11 25.45
N ARG C 40 1.81 -4.26 26.65
CA ARG C 40 3.10 -3.65 27.04
C ARG C 40 4.22 -4.45 26.39
N LEU C 41 5.32 -3.82 26.11
CA LEU C 41 6.42 -4.42 25.37
C LEU C 41 7.64 -4.50 26.28
N ASP C 42 8.21 -5.70 26.40
CA ASP C 42 9.44 -5.91 27.18
C ASP C 42 10.62 -5.38 26.38
N THR C 43 10.93 -4.09 26.52
CA THR C 43 11.90 -3.43 25.65
C THR C 43 13.36 -3.67 26.08
N GLU C 44 13.56 -4.35 27.21
CA GLU C 44 14.90 -4.64 27.69
C GLU C 44 15.12 -6.15 27.86
N THR C 45 14.06 -6.96 27.63
CA THR C 45 14.10 -8.41 27.86
C THR C 45 13.59 -9.17 26.64
N GLU C 46 12.27 -9.42 26.55
CA GLU C 46 11.73 -10.44 25.66
C GLU C 46 11.10 -9.86 24.39
N GLY C 47 10.90 -8.53 24.33
CA GLY C 47 10.40 -7.88 23.11
C GLY C 47 8.90 -7.97 23.01
N VAL C 48 8.39 -8.05 21.77
CA VAL C 48 6.96 -8.08 21.49
C VAL C 48 6.49 -9.51 21.72
N PRO C 49 5.41 -9.77 22.50
CA PRO C 49 5.04 -11.14 22.84
C PRO C 49 4.63 -11.88 21.57
N SER C 50 4.95 -13.18 21.53
CA SER C 50 4.57 -14.02 20.40
C SER C 50 3.05 -14.03 20.22
N THR C 51 2.30 -13.98 21.33
CA THR C 51 0.82 -13.99 21.25
C THR C 51 0.30 -12.79 20.46
N ALA C 52 0.94 -11.62 20.63
CA ALA C 52 0.52 -10.42 19.90
C ALA C 52 0.84 -10.54 18.40
N ILE C 53 2.08 -11.00 18.09
CA ILE C 53 2.50 -11.21 16.72
C ILE C 53 1.51 -12.11 15.98
N ARG C 54 1.13 -13.21 16.60
CA ARG C 54 0.15 -14.09 16.01
C ARG C 54 -1.19 -13.38 15.88
N GLU C 55 -1.65 -12.77 16.99
CA GLU C 55 -2.97 -12.15 16.99
C GLU C 55 -3.04 -11.11 15.87
N ILE C 56 -2.03 -10.25 15.76
CA ILE C 56 -2.06 -9.20 14.75
C ILE C 56 -1.95 -9.81 13.35
N SER C 57 -0.87 -10.56 13.08
CA SER C 57 -0.57 -11.04 11.74
C SER C 57 -1.76 -11.80 11.13
N LEU C 58 -2.41 -12.63 11.97
CA LEU C 58 -3.48 -13.52 11.54
C LEU C 58 -4.77 -12.74 11.36
N LEU C 59 -5.04 -11.76 12.24
CA LEU C 59 -6.22 -10.91 12.11
C LEU C 59 -6.11 -9.92 10.94
N LYS C 60 -4.87 -9.57 10.55
CA LYS C 60 -4.65 -8.73 9.36
C LYS C 60 -5.19 -9.44 8.12
N GLU C 61 -5.12 -10.77 8.09
CA GLU C 61 -5.48 -11.52 6.90
C GLU C 61 -6.95 -11.96 6.90
N LEU C 62 -7.57 -12.02 8.08
CA LEU C 62 -8.90 -12.59 8.19
C LEU C 62 -9.97 -11.51 8.22
N ASN C 63 -10.49 -11.12 7.05
CA ASN C 63 -11.56 -10.13 6.95
C ASN C 63 -12.86 -10.79 6.53
N HIS C 64 -13.78 -10.91 7.48
CA HIS C 64 -15.05 -11.62 7.36
C HIS C 64 -16.04 -11.05 8.36
N PRO C 65 -17.35 -11.00 8.03
CA PRO C 65 -18.33 -10.41 8.95
C PRO C 65 -18.51 -11.09 10.30
N ASN C 66 -17.98 -12.31 10.47
CA ASN C 66 -18.11 -13.05 11.74
C ASN C 66 -16.75 -13.28 12.39
N ILE C 67 -15.76 -12.46 12.01
CA ILE C 67 -14.50 -12.38 12.72
C ILE C 67 -14.29 -10.92 13.12
N VAL C 68 -13.90 -10.69 14.39
CA VAL C 68 -13.80 -9.34 14.93
C VAL C 68 -12.81 -8.55 14.08
N LYS C 69 -13.15 -7.31 13.74
CA LYS C 69 -12.29 -6.51 12.87
C LYS C 69 -11.22 -5.80 13.71
N LEU C 70 -9.97 -6.00 13.30
CA LEU C 70 -8.82 -5.22 13.74
C LEU C 70 -8.69 -3.98 12.87
N LEU C 71 -8.97 -2.80 13.46
CA LEU C 71 -9.07 -1.57 12.70
C LEU C 71 -7.69 -0.95 12.47
N ASP C 72 -6.85 -0.97 13.52
CA ASP C 72 -5.58 -0.29 13.50
C ASP C 72 -4.63 -0.90 14.52
N VAL C 73 -3.33 -0.67 14.32
CA VAL C 73 -2.30 -1.09 15.25
C VAL C 73 -1.39 0.11 15.47
N ILE C 74 -1.52 0.70 16.65
CA ILE C 74 -0.73 1.92 16.99
C ILE C 74 0.49 1.49 17.81
N HIS C 75 1.68 1.79 17.30
CA HIS C 75 2.93 1.35 17.96
C HIS C 75 3.62 2.50 18.67
N THR C 76 4.16 2.22 19.85
CA THR C 76 4.98 3.22 20.54
C THR C 76 6.27 2.47 20.79
N GLU C 77 7.28 3.13 21.31
CA GLU C 77 8.54 2.47 21.62
C GLU C 77 8.34 1.58 22.84
N ASN C 78 7.24 1.80 23.60
CA ASN C 78 6.99 1.28 24.94
C ASN C 78 5.72 0.43 24.98
N LYS C 79 4.65 0.96 24.37
CA LYS C 79 3.35 0.28 24.37
C LYS C 79 2.92 -0.05 22.96
N LEU C 80 2.02 -1.04 22.86
CA LEU C 80 1.42 -1.46 21.61
C LEU C 80 -0.11 -1.48 21.76
N TYR C 81 -0.82 -0.70 20.91
CA TYR C 81 -2.27 -0.58 21.01
C TYR C 81 -2.95 -1.22 19.79
N LEU C 82 -3.72 -2.30 20.03
CA LEU C 82 -4.57 -2.84 18.99
C LEU C 82 -5.92 -2.13 19.08
N VAL C 83 -6.41 -1.61 17.95
CA VAL C 83 -7.70 -0.94 17.88
C VAL C 83 -8.69 -1.90 17.24
N PHE C 84 -9.72 -2.28 18.01
CA PHE C 84 -10.74 -3.24 17.59
C PHE C 84 -12.09 -2.53 17.46
N GLU C 85 -12.94 -3.03 16.55
CA GLU C 85 -14.34 -2.63 16.53
C GLU C 85 -14.95 -3.06 17.86
N PHE C 86 -15.76 -2.19 18.46
CA PHE C 86 -16.44 -2.47 19.72
C PHE C 86 -17.76 -3.18 19.46
N LEU C 87 -17.96 -4.34 20.11
CA LEU C 87 -19.23 -5.03 20.12
C LEU C 87 -19.85 -4.96 21.51
N HIS C 88 -21.20 -5.00 21.56
CA HIS C 88 -21.98 -4.74 22.76
C HIS C 88 -21.57 -5.60 23.95
N GLN C 89 -21.50 -6.92 23.77
CA GLN C 89 -20.96 -7.81 24.80
C GLN C 89 -20.54 -9.16 24.21
N ASP C 90 -20.09 -10.07 25.09
CA ASP C 90 -19.71 -11.43 24.77
C ASP C 90 -20.86 -12.37 25.09
N LEU C 91 -20.83 -13.57 24.48
CA LEU C 91 -21.92 -14.53 24.53
C LEU C 91 -22.15 -15.00 25.96
N LYS C 92 -21.09 -15.10 26.75
CA LYS C 92 -21.20 -15.60 28.11
C LYS C 92 -22.08 -14.64 28.90
N LYS C 93 -21.74 -13.35 28.90
CA LYS C 93 -22.56 -12.37 29.60
C LYS C 93 -24.03 -12.48 29.19
N PHE C 94 -24.27 -12.74 27.89
CA PHE C 94 -25.60 -12.81 27.29
C PHE C 94 -26.33 -14.04 27.82
N MET C 95 -25.66 -15.20 27.73
CA MET C 95 -26.16 -16.43 28.32
C MET C 95 -26.58 -16.19 29.76
N ASP C 96 -25.68 -15.65 30.59
CA ASP C 96 -25.97 -15.36 31.99
C ASP C 96 -27.21 -14.49 32.09
N ALA C 97 -27.27 -13.40 31.32
CA ALA C 97 -28.44 -12.53 31.39
C ALA C 97 -29.70 -13.31 30.99
N SER C 98 -29.53 -14.35 30.19
CA SER C 98 -30.63 -15.12 29.64
C SER C 98 -30.86 -16.42 30.41
N ALA C 99 -30.27 -16.55 31.61
CA ALA C 99 -30.31 -17.81 32.35
C ALA C 99 -31.73 -18.21 32.78
N LEU C 100 -32.55 -17.21 33.18
CA LEU C 100 -33.91 -17.47 33.61
C LEU C 100 -34.86 -17.44 32.40
N THR C 101 -34.70 -16.46 31.51
CA THR C 101 -35.59 -16.23 30.38
C THR C 101 -35.38 -17.26 29.26
N GLY C 102 -34.13 -17.64 28.99
CA GLY C 102 -33.80 -18.52 27.88
C GLY C 102 -33.48 -17.72 26.61
N ILE C 103 -32.81 -18.39 25.66
CA ILE C 103 -32.47 -17.81 24.37
C ILE C 103 -33.41 -18.40 23.32
N PRO C 104 -34.17 -17.57 22.59
CA PRO C 104 -35.06 -18.09 21.56
C PRO C 104 -34.24 -18.98 20.62
N LEU C 105 -34.87 -20.02 20.08
CA LEU C 105 -34.23 -21.01 19.22
C LEU C 105 -33.80 -20.37 17.89
N PRO C 106 -34.58 -19.41 17.33
CA PRO C 106 -34.16 -18.72 16.11
C PRO C 106 -32.80 -18.03 16.27
N LEU C 107 -32.59 -17.36 17.42
CA LEU C 107 -31.34 -16.71 17.74
C LEU C 107 -30.21 -17.73 17.84
N ILE C 108 -30.44 -18.82 18.58
CA ILE C 108 -29.45 -19.86 18.79
C ILE C 108 -28.93 -20.34 17.44
N LYS C 109 -29.86 -20.60 16.52
CA LYS C 109 -29.56 -21.15 15.21
C LYS C 109 -28.76 -20.16 14.37
N SER C 110 -29.14 -18.87 14.48
CA SER C 110 -28.47 -17.76 13.82
C SER C 110 -27.03 -17.66 14.32
N TYR C 111 -26.87 -17.68 15.65
CA TYR C 111 -25.57 -17.54 16.28
C TYR C 111 -24.67 -18.72 15.92
N LEU C 112 -25.23 -19.94 15.83
CA LEU C 112 -24.44 -21.11 15.49
C LEU C 112 -24.03 -21.07 14.01
N PHE C 113 -24.93 -20.55 13.17
CA PHE C 113 -24.67 -20.47 11.74
C PHE C 113 -23.53 -19.49 11.49
N GLN C 114 -23.66 -18.30 12.08
CA GLN C 114 -22.67 -17.25 11.93
C GLN C 114 -21.33 -17.73 12.45
N LEU C 115 -21.34 -18.51 13.53
CA LEU C 115 -20.12 -18.94 14.19
C LEU C 115 -19.40 -19.96 13.31
N LEU C 116 -20.19 -20.75 12.57
CA LEU C 116 -19.65 -21.75 11.67
C LEU C 116 -19.07 -21.10 10.41
N GLN C 117 -19.73 -20.05 9.92
CA GLN C 117 -19.28 -19.33 8.76
C GLN C 117 -17.91 -18.71 9.04
N GLY C 118 -17.81 -17.98 10.16
CA GLY C 118 -16.58 -17.39 10.61
C GLY C 118 -15.47 -18.42 10.81
N LEU C 119 -15.83 -19.56 11.43
CA LEU C 119 -14.86 -20.59 11.71
C LEU C 119 -14.45 -21.31 10.42
N ALA C 120 -15.40 -21.46 9.48
CA ALA C 120 -15.16 -22.06 8.18
C ALA C 120 -14.08 -21.26 7.44
N PHE C 121 -14.24 -19.93 7.44
CA PHE C 121 -13.29 -18.97 6.89
C PHE C 121 -11.92 -19.06 7.55
N CYS C 122 -11.89 -19.18 8.89
CA CYS C 122 -10.63 -19.47 9.58
C CYS C 122 -9.94 -20.69 8.98
N HIS C 123 -10.62 -21.83 9.01
CA HIS C 123 -10.05 -23.08 8.52
C HIS C 123 -9.65 -22.99 7.05
N SER C 124 -10.49 -22.34 6.22
CA SER C 124 -10.25 -22.08 4.80
C SER C 124 -8.93 -21.35 4.60
N HIS C 125 -8.51 -20.60 5.62
CA HIS C 125 -7.31 -19.78 5.54
C HIS C 125 -6.29 -20.28 6.54
N ARG C 126 -6.15 -21.59 6.69
CA ARG C 126 -5.09 -22.20 7.53
C ARG C 126 -4.89 -21.53 8.89
N VAL C 127 -5.97 -21.28 9.64
CA VAL C 127 -5.86 -20.71 10.98
C VAL C 127 -6.77 -21.49 11.92
N LEU C 128 -6.15 -22.12 12.93
CA LEU C 128 -6.85 -22.66 14.09
C LEU C 128 -7.09 -21.52 15.10
N HIS C 129 -8.27 -21.49 15.74
CA HIS C 129 -8.57 -20.50 16.77
C HIS C 129 -8.04 -21.00 18.11
N ARG C 130 -8.47 -22.21 18.50
CA ARG C 130 -7.95 -22.92 19.65
C ARG C 130 -8.35 -22.31 21.00
N ASP C 131 -9.23 -21.31 21.01
CA ASP C 131 -9.74 -20.80 22.28
C ASP C 131 -11.17 -20.32 22.09
N LEU C 132 -11.98 -21.18 21.46
CA LEU C 132 -13.38 -20.84 21.28
C LEU C 132 -14.10 -21.17 22.58
N LYS C 133 -14.71 -20.16 23.18
CA LYS C 133 -15.52 -20.28 24.38
C LYS C 133 -16.44 -19.06 24.41
N PRO C 134 -17.53 -19.06 25.20
CA PRO C 134 -18.52 -17.97 25.13
C PRO C 134 -17.97 -16.56 25.36
N GLN C 135 -16.88 -16.47 26.12
CA GLN C 135 -16.28 -15.20 26.52
C GLN C 135 -15.54 -14.55 25.34
N ASN C 136 -15.18 -15.37 24.33
CA ASN C 136 -14.34 -15.02 23.20
C ASN C 136 -15.19 -14.80 21.95
N LEU C 137 -16.52 -14.89 22.09
CA LEU C 137 -17.45 -14.61 21.00
C LEU C 137 -18.25 -13.35 21.36
N LEU C 138 -18.32 -12.41 20.40
CA LEU C 138 -18.90 -11.12 20.66
C LEU C 138 -20.15 -10.93 19.81
N ILE C 139 -21.17 -10.28 20.40
CA ILE C 139 -22.45 -10.07 19.76
C ILE C 139 -22.74 -8.57 19.75
N ASN C 140 -23.39 -8.11 18.67
CA ASN C 140 -23.98 -6.78 18.60
C ASN C 140 -25.51 -6.84 18.77
N THR C 141 -26.10 -5.63 18.82
CA THR C 141 -27.52 -5.41 19.07
C THR C 141 -28.36 -5.73 17.83
N GLU C 142 -27.72 -6.07 16.70
CA GLU C 142 -28.43 -6.32 15.45
C GLU C 142 -28.31 -7.78 15.00
N GLY C 143 -27.92 -8.69 15.91
CA GLY C 143 -28.08 -10.12 15.69
C GLY C 143 -26.85 -10.80 15.09
N ALA C 144 -25.74 -10.05 15.04
CA ALA C 144 -24.45 -10.59 14.61
C ALA C 144 -23.72 -11.16 15.82
N ILE C 145 -22.93 -12.22 15.56
CA ILE C 145 -21.93 -12.75 16.48
C ILE C 145 -20.60 -12.96 15.73
N LYS C 146 -19.48 -12.60 16.37
CA LYS C 146 -18.17 -12.74 15.75
C LYS C 146 -17.21 -13.49 16.68
N LEU C 147 -16.33 -14.31 16.07
CA LEU C 147 -15.13 -14.85 16.67
C LEU C 147 -14.21 -13.70 17.08
N ALA C 148 -13.63 -13.81 18.27
CA ALA C 148 -12.72 -12.82 18.78
C ALA C 148 -11.65 -13.52 19.61
N ASP C 149 -10.75 -12.71 20.19
CA ASP C 149 -9.56 -13.15 20.90
C ASP C 149 -8.77 -14.24 20.16
N PHE C 150 -7.96 -13.84 19.17
CA PHE C 150 -7.10 -14.77 18.46
C PHE C 150 -5.71 -14.84 19.10
N GLY C 151 -5.64 -14.47 20.38
CA GLY C 151 -4.38 -14.53 21.13
C GLY C 151 -3.70 -15.90 21.09
N LEU C 152 -4.51 -16.97 21.04
CA LEU C 152 -3.99 -18.33 21.07
C LEU C 152 -3.99 -18.98 19.69
N ALA C 153 -4.40 -18.24 18.66
CA ALA C 153 -4.59 -18.80 17.33
C ALA C 153 -3.23 -19.17 16.72
N ARG C 154 -3.27 -20.01 15.68
CA ARG C 154 -2.03 -20.46 15.01
C ARG C 154 -2.28 -20.78 13.53
N ALA C 155 -1.36 -20.38 12.66
CA ALA C 155 -1.41 -20.73 11.25
C ALA C 155 -0.80 -22.12 11.06
N PHE C 156 -1.58 -23.06 10.52
CA PHE C 156 -1.16 -24.45 10.39
C PHE C 156 -0.73 -24.73 8.95
N GLY C 157 0.20 -25.68 8.77
CA GLY C 157 0.51 -26.24 7.47
C GLY C 157 -0.29 -27.53 7.22
N VAL C 158 -0.16 -28.11 6.02
CA VAL C 158 -0.89 -29.31 5.62
C VAL C 158 0.11 -30.36 5.16
N PRO C 159 0.15 -31.58 5.76
CA PRO C 159 -0.62 -31.91 6.96
C PRO C 159 -0.07 -31.27 8.23
N VAL C 160 -0.95 -31.12 9.23
CA VAL C 160 -0.60 -30.50 10.50
C VAL C 160 0.61 -31.21 11.09
N ARG C 161 1.45 -30.47 11.82
CA ARG C 161 2.49 -31.02 12.68
C ARG C 161 2.09 -30.82 14.14
N THR C 162 2.96 -31.23 15.09
CA THR C 162 2.70 -31.09 16.52
C THR C 162 2.74 -29.59 16.86
N TYR C 163 1.68 -29.14 17.56
CA TYR C 163 1.57 -27.78 18.05
C TYR C 163 1.57 -27.81 19.58
N TPO C 164 1.20 -26.67 20.17
CA TPO C 164 1.22 -26.51 21.65
CB TPO C 164 1.11 -25.03 22.01
CG2 TPO C 164 1.36 -24.77 23.49
OG1 TPO C 164 2.15 -24.33 21.26
P TPO C 164 1.77 -23.30 20.08
O1P TPO C 164 1.07 -24.11 19.03
O2P TPO C 164 3.08 -22.73 19.60
O3P TPO C 164 0.87 -22.27 20.71
C TPO C 164 0.14 -27.38 22.31
O TPO C 164 -0.99 -27.39 21.83
N HIS C 165 0.51 -28.07 23.39
CA HIS C 165 -0.39 -28.95 24.12
C HIS C 165 -1.44 -28.16 24.91
N GLU C 166 -1.02 -27.09 25.58
CA GLU C 166 -1.90 -26.37 26.49
C GLU C 166 -2.70 -25.36 25.67
N VAL C 167 -3.84 -25.83 25.15
CA VAL C 167 -4.68 -25.00 24.31
C VAL C 167 -6.14 -25.25 24.65
N VAL C 168 -6.96 -24.19 24.53
CA VAL C 168 -8.38 -24.26 24.79
C VAL C 168 -8.65 -24.39 26.30
N THR C 169 -9.43 -23.44 26.84
CA THR C 169 -9.99 -23.51 28.19
C THR C 169 -10.56 -24.93 28.42
N LEU C 170 -10.33 -25.50 29.61
CA LEU C 170 -10.55 -26.91 29.87
C LEU C 170 -11.88 -27.42 29.31
N TRP C 171 -12.98 -26.80 29.75
CA TRP C 171 -14.34 -27.23 29.47
C TRP C 171 -14.60 -27.42 27.97
N TYR C 172 -13.83 -26.72 27.14
CA TYR C 172 -14.07 -26.64 25.70
C TYR C 172 -13.01 -27.43 24.94
N ARG C 173 -12.20 -28.19 25.70
CA ARG C 173 -11.08 -28.94 25.16
C ARG C 173 -11.57 -30.30 24.66
N ALA C 174 -11.23 -30.57 23.39
CA ALA C 174 -11.62 -31.77 22.67
C ALA C 174 -10.87 -32.97 23.22
N PRO C 175 -11.48 -34.18 23.18
CA PRO C 175 -10.84 -35.38 23.72
C PRO C 175 -9.43 -35.72 23.23
N GLU C 176 -9.12 -35.43 21.95
CA GLU C 176 -7.81 -35.76 21.40
C GLU C 176 -6.69 -34.94 22.04
N ILE C 177 -6.99 -33.69 22.45
CA ILE C 177 -6.01 -32.86 23.17
C ILE C 177 -5.88 -33.37 24.61
N LEU C 178 -7.00 -33.82 25.20
CA LEU C 178 -7.03 -34.24 26.59
C LEU C 178 -6.12 -35.43 26.80
N LEU C 179 -6.14 -36.37 25.83
CA LEU C 179 -5.37 -37.61 25.83
C LEU C 179 -4.01 -37.43 25.17
N GLY C 180 -3.60 -36.18 24.95
CA GLY C 180 -2.25 -35.84 24.54
C GLY C 180 -1.84 -36.49 23.22
N CYS C 181 -2.76 -36.52 22.24
CA CYS C 181 -2.44 -37.04 20.93
C CYS C 181 -1.40 -36.17 20.27
N LYS C 182 -0.51 -36.81 19.51
CA LYS C 182 0.62 -36.16 18.86
C LYS C 182 0.11 -35.03 17.97
N TYR C 183 -1.01 -35.26 17.27
CA TYR C 183 -1.53 -34.30 16.31
C TYR C 183 -2.95 -33.91 16.70
N TYR C 184 -3.32 -32.67 16.36
CA TYR C 184 -4.70 -32.19 16.36
C TYR C 184 -4.87 -31.17 15.22
N SER C 185 -6.13 -30.89 14.86
CA SER C 185 -6.45 -30.16 13.64
C SER C 185 -7.76 -29.40 13.84
N THR C 186 -8.44 -29.07 12.72
CA THR C 186 -9.56 -28.14 12.71
C THR C 186 -10.68 -28.70 13.59
N ALA C 187 -10.62 -30.01 13.85
CA ALA C 187 -11.55 -30.72 14.71
C ALA C 187 -11.78 -29.99 16.04
N VAL C 188 -10.68 -29.57 16.69
CA VAL C 188 -10.72 -29.10 18.06
C VAL C 188 -11.61 -27.87 18.16
N ASP C 189 -11.70 -27.08 17.09
CA ASP C 189 -12.53 -25.88 17.09
C ASP C 189 -14.01 -26.27 16.95
N ILE C 190 -14.27 -27.39 16.28
CA ILE C 190 -15.64 -27.83 16.10
C ILE C 190 -16.16 -28.35 17.45
N TRP C 191 -15.36 -29.19 18.12
CA TRP C 191 -15.73 -29.65 19.44
C TRP C 191 -16.22 -28.46 20.27
N SER C 192 -15.38 -27.42 20.32
CA SER C 192 -15.64 -26.22 21.08
C SER C 192 -17.01 -25.63 20.71
N LEU C 193 -17.21 -25.33 19.42
CA LEU C 193 -18.50 -24.86 18.96
C LEU C 193 -19.61 -25.83 19.37
N GLY C 194 -19.34 -27.13 19.32
CA GLY C 194 -20.31 -28.13 19.75
C GLY C 194 -20.73 -27.87 21.20
N CYS C 195 -19.74 -27.78 22.08
CA CYS C 195 -19.98 -27.48 23.48
C CYS C 195 -20.72 -26.15 23.64
N ILE C 196 -20.43 -25.17 22.77
CA ILE C 196 -21.05 -23.84 22.85
C ILE C 196 -22.51 -23.90 22.37
N PHE C 197 -22.81 -24.74 21.38
CA PHE C 197 -24.23 -24.90 20.94
C PHE C 197 -25.05 -25.33 22.12
N ALA C 198 -24.67 -26.47 22.71
CA ALA C 198 -25.38 -26.99 23.91
C ALA C 198 -25.57 -25.88 24.92
N GLU C 199 -24.49 -25.20 25.29
CA GLU C 199 -24.56 -24.15 26.34
C GLU C 199 -25.65 -23.15 25.94
N MET C 200 -25.70 -22.72 24.69
CA MET C 200 -26.69 -21.71 24.35
C MET C 200 -28.12 -22.22 24.66
N VAL C 201 -28.37 -23.49 24.39
CA VAL C 201 -29.66 -24.16 24.66
C VAL C 201 -29.99 -24.17 26.16
N THR C 202 -29.05 -24.67 26.99
CA THR C 202 -29.29 -24.98 28.40
C THR C 202 -28.80 -23.85 29.32
N ARG C 203 -28.13 -22.85 28.73
CA ARG C 203 -27.58 -21.70 29.51
C ARG C 203 -26.66 -22.26 30.58
N ARG C 204 -26.16 -23.47 30.36
CA ARG C 204 -25.21 -24.09 31.31
C ARG C 204 -24.19 -24.89 30.49
N ALA C 205 -22.94 -24.89 30.90
CA ALA C 205 -21.88 -25.60 30.17
C ALA C 205 -22.21 -27.08 30.07
N LEU C 206 -21.70 -27.75 29.03
CA LEU C 206 -21.99 -29.20 28.83
C LEU C 206 -21.06 -30.02 29.72
N PHE C 207 -19.77 -29.73 29.66
CA PHE C 207 -18.77 -30.54 30.42
C PHE C 207 -17.94 -29.63 31.31
N PRO C 208 -18.41 -29.32 32.53
CA PRO C 208 -17.70 -28.41 33.46
C PRO C 208 -16.74 -29.17 34.36
N GLY C 209 -15.66 -29.71 33.78
CA GLY C 209 -14.73 -30.49 34.57
C GLY C 209 -13.94 -29.60 35.52
N ASP C 210 -13.55 -30.11 36.69
CA ASP C 210 -12.73 -29.37 37.63
C ASP C 210 -11.31 -29.92 37.62
N SER C 211 -11.04 -30.90 36.74
CA SER C 211 -9.70 -31.36 36.42
C SER C 211 -9.74 -32.08 35.08
N GLU C 212 -8.58 -32.52 34.57
CA GLU C 212 -8.55 -33.20 33.28
C GLU C 212 -9.23 -34.58 33.35
N ILE C 213 -8.95 -35.32 34.42
CA ILE C 213 -9.58 -36.63 34.60
C ILE C 213 -11.09 -36.43 34.69
N ASP C 214 -11.49 -35.36 35.41
CA ASP C 214 -12.90 -35.08 35.63
C ASP C 214 -13.56 -34.71 34.31
N GLN C 215 -12.81 -33.97 33.47
CA GLN C 215 -13.27 -33.57 32.15
C GLN C 215 -13.51 -34.79 31.27
N LEU C 216 -12.53 -35.72 31.25
CA LEU C 216 -12.63 -36.94 30.46
C LEU C 216 -13.88 -37.72 30.82
N PHE C 217 -14.01 -37.98 32.12
CA PHE C 217 -15.12 -38.75 32.66
C PHE C 217 -16.44 -38.08 32.28
N ARG C 218 -16.50 -36.74 32.38
CA ARG C 218 -17.74 -36.00 32.11
C ARG C 218 -18.18 -36.19 30.67
N ILE C 219 -17.23 -36.36 29.76
CA ILE C 219 -17.57 -36.55 28.33
C ILE C 219 -18.02 -38.00 28.13
N PHE C 220 -17.24 -38.96 28.62
CA PHE C 220 -17.59 -40.40 28.48
C PHE C 220 -18.98 -40.64 29.03
N ARG C 221 -19.27 -40.07 30.19
CA ARG C 221 -20.58 -40.33 30.85
C ARG C 221 -21.72 -39.89 29.92
N THR C 222 -21.42 -39.07 28.90
CA THR C 222 -22.49 -38.58 28.01
C THR C 222 -22.36 -39.24 26.66
N LEU C 223 -21.20 -39.78 26.31
CA LEU C 223 -21.03 -40.31 24.92
C LEU C 223 -20.44 -41.72 24.91
N GLY C 224 -19.92 -42.23 26.03
CA GLY C 224 -19.27 -43.52 26.06
C GLY C 224 -17.84 -43.43 25.52
N VAL C 255 -30.23 -35.50 25.56
CA VAL C 255 -29.10 -34.80 26.26
C VAL C 255 -29.48 -33.33 26.43
N VAL C 256 -30.10 -32.74 25.41
CA VAL C 256 -30.53 -31.31 25.48
C VAL C 256 -32.06 -31.28 25.34
N PRO C 257 -32.82 -31.27 26.45
CA PRO C 257 -34.28 -31.32 26.35
C PRO C 257 -34.95 -30.45 25.27
N PRO C 258 -34.70 -29.14 25.15
CA PRO C 258 -35.42 -28.29 24.20
C PRO C 258 -35.14 -28.46 22.72
N LEU C 259 -34.09 -29.23 22.38
CA LEU C 259 -33.53 -29.27 21.04
C LEU C 259 -34.36 -30.19 20.15
N ASP C 260 -34.43 -29.90 18.85
CA ASP C 260 -35.20 -30.72 17.92
C ASP C 260 -34.32 -31.85 17.40
N GLU C 261 -34.91 -32.79 16.63
CA GLU C 261 -34.22 -33.94 16.04
C GLU C 261 -33.02 -33.46 15.20
N ASP C 262 -33.27 -32.49 14.31
CA ASP C 262 -32.23 -31.90 13.47
C ASP C 262 -31.07 -31.43 14.36
N GLY C 263 -31.40 -30.53 15.32
CA GLY C 263 -30.41 -29.94 16.20
C GLY C 263 -29.51 -31.03 16.80
N ARG C 264 -30.14 -32.02 17.44
CA ARG C 264 -29.44 -33.10 18.09
C ARG C 264 -28.49 -33.77 17.10
N SER C 265 -29.00 -34.02 15.89
CA SER C 265 -28.17 -34.61 14.85
C SER C 265 -26.86 -33.83 14.70
N LEU C 266 -26.97 -32.54 14.37
CA LEU C 266 -25.81 -31.68 14.18
C LEU C 266 -24.85 -31.81 15.36
N LEU C 267 -25.39 -31.58 16.56
CA LEU C 267 -24.62 -31.63 17.80
C LEU C 267 -23.72 -32.86 17.82
N SER C 268 -24.37 -34.03 17.74
CA SER C 268 -23.68 -35.31 17.79
C SER C 268 -22.51 -35.32 16.79
N GLN C 269 -22.73 -34.75 15.61
CA GLN C 269 -21.74 -34.76 14.54
C GLN C 269 -20.59 -33.81 14.87
N MET C 270 -20.89 -32.74 15.64
CA MET C 270 -19.89 -31.78 16.08
C MET C 270 -19.16 -32.31 17.33
N LEU C 271 -19.79 -33.25 18.03
CA LEU C 271 -19.22 -33.79 19.25
C LEU C 271 -18.79 -35.24 19.09
N HIS C 272 -18.41 -35.67 17.87
CA HIS C 272 -17.97 -37.04 17.64
C HIS C 272 -16.57 -37.20 18.24
N TYR C 273 -16.31 -38.39 18.78
CA TYR C 273 -15.00 -38.69 19.36
C TYR C 273 -13.94 -38.65 18.28
N ASP C 274 -14.08 -39.50 17.26
CA ASP C 274 -13.09 -39.56 16.21
C ASP C 274 -13.02 -38.21 15.49
N PRO C 275 -11.90 -37.47 15.60
CA PRO C 275 -11.74 -36.18 14.91
C PRO C 275 -12.04 -36.31 13.42
N ASN C 276 -11.54 -37.40 12.81
CA ASN C 276 -11.80 -37.68 11.40
C ASN C 276 -13.29 -37.71 11.09
N LYS C 277 -14.11 -38.23 12.01
CA LYS C 277 -15.53 -38.40 11.75
C LYS C 277 -16.30 -37.15 12.17
N ARG C 278 -15.71 -36.32 13.04
CA ARG C 278 -16.36 -35.10 13.49
C ARG C 278 -16.65 -34.23 12.26
N ILE C 279 -17.83 -33.60 12.24
CA ILE C 279 -18.25 -32.80 11.10
C ILE C 279 -17.28 -31.62 10.93
N SER C 280 -17.24 -31.06 9.71
CA SER C 280 -16.45 -29.88 9.43
C SER C 280 -17.39 -28.69 9.42
N ALA C 281 -16.82 -27.50 9.66
CA ALA C 281 -17.63 -26.29 9.68
C ALA C 281 -18.35 -26.13 8.33
N LYS C 282 -17.62 -26.37 7.24
CA LYS C 282 -18.16 -26.30 5.89
C LYS C 282 -19.37 -27.24 5.78
N ALA C 283 -19.16 -28.52 6.12
CA ALA C 283 -20.24 -29.49 6.11
C ALA C 283 -21.41 -29.01 6.97
N ALA C 284 -21.13 -28.74 8.25
CA ALA C 284 -22.13 -28.28 9.20
C ALA C 284 -22.99 -27.17 8.60
N LEU C 285 -22.38 -26.28 7.83
CA LEU C 285 -23.08 -25.15 7.22
C LEU C 285 -24.19 -25.64 6.28
N ALA C 286 -24.08 -26.90 5.85
CA ALA C 286 -25.07 -27.49 4.97
C ALA C 286 -26.06 -28.41 5.72
N HIS C 287 -25.90 -28.59 7.03
CA HIS C 287 -26.79 -29.46 7.78
C HIS C 287 -28.24 -28.96 7.76
N PRO C 288 -29.24 -29.88 7.61
CA PRO C 288 -30.67 -29.52 7.70
C PRO C 288 -31.10 -28.54 8.77
N PHE C 289 -30.45 -28.55 9.93
CA PHE C 289 -30.90 -27.69 11.04
C PHE C 289 -30.96 -26.24 10.61
N PHE C 290 -30.17 -25.86 9.61
CA PHE C 290 -30.08 -24.44 9.22
C PHE C 290 -30.93 -24.13 8.00
N GLN C 291 -31.68 -25.11 7.49
CA GLN C 291 -32.45 -24.88 6.26
C GLN C 291 -33.40 -23.68 6.41
N ASP C 292 -33.74 -23.31 7.64
CA ASP C 292 -34.72 -22.21 7.87
C ASP C 292 -34.02 -21.10 8.63
N VAL C 293 -32.69 -21.03 8.53
CA VAL C 293 -31.94 -20.03 9.34
C VAL C 293 -32.46 -18.62 9.09
N THR C 294 -32.60 -17.83 10.15
CA THR C 294 -32.99 -16.42 10.04
C THR C 294 -31.92 -15.60 10.72
N LYS C 295 -32.09 -14.29 10.85
CA LYS C 295 -31.11 -13.47 11.60
C LYS C 295 -31.83 -12.67 12.67
N PRO C 296 -32.29 -13.29 13.77
CA PRO C 296 -33.02 -12.58 14.79
C PRO C 296 -32.16 -11.59 15.53
N VAL C 297 -32.74 -10.45 15.92
CA VAL C 297 -31.99 -9.45 16.73
C VAL C 297 -32.11 -9.89 18.21
N PRO C 298 -31.10 -9.74 19.10
CA PRO C 298 -31.25 -10.23 20.46
C PRO C 298 -32.08 -9.34 21.35
N HIS C 299 -32.15 -9.70 22.64
CA HIS C 299 -32.95 -8.92 23.62
C HIS C 299 -31.97 -8.16 24.51
N LEU C 300 -31.65 -6.91 24.15
CA LEU C 300 -30.61 -6.16 24.90
C LEU C 300 -29.39 -7.09 25.10
N GLY D 1 -6.57 -38.14 9.44
CA GLY D 1 -7.20 -37.75 8.15
C GLY D 1 -7.62 -36.31 8.20
N VAL D 2 -8.24 -35.89 9.30
CA VAL D 2 -8.61 -34.45 9.46
C VAL D 2 -7.31 -33.66 9.47
N ASN D 3 -6.18 -34.34 9.65
CA ASN D 3 -4.85 -33.68 9.65
C ASN D 3 -4.51 -33.21 8.24
N GLU D 4 -5.11 -33.84 7.21
CA GLU D 4 -4.89 -33.42 5.80
C GLU D 4 -6.06 -32.53 5.43
N VAL D 5 -6.78 -32.02 6.43
CA VAL D 5 -7.93 -31.13 6.26
C VAL D 5 -8.66 -31.36 4.95
N PRO D 6 -9.26 -32.55 4.73
CA PRO D 6 -9.98 -32.87 3.49
C PRO D 6 -10.87 -31.77 2.94
N ASP D 7 -11.67 -31.15 3.82
CA ASP D 7 -12.65 -30.18 3.36
C ASP D 7 -12.00 -28.83 3.03
N TYR D 8 -10.70 -28.64 3.36
CA TYR D 8 -10.06 -27.33 3.25
C TYR D 8 -8.75 -27.34 2.47
N HIS D 9 -8.18 -28.50 2.15
CA HIS D 9 -6.86 -28.59 1.52
C HIS D 9 -6.75 -27.73 0.24
N GLU D 10 -7.88 -27.53 -0.45
CA GLU D 10 -7.88 -26.82 -1.71
C GLU D 10 -8.04 -25.32 -1.49
N ASP D 11 -9.03 -24.91 -0.68
CA ASP D 11 -9.24 -23.52 -0.33
C ASP D 11 -7.96 -22.90 0.24
N ILE D 12 -7.17 -23.71 0.96
CA ILE D 12 -5.92 -23.30 1.57
C ILE D 12 -4.85 -23.14 0.49
N HIS D 13 -4.77 -24.12 -0.43
CA HIS D 13 -3.84 -24.08 -1.54
C HIS D 13 -4.03 -22.79 -2.36
N THR D 14 -5.29 -22.47 -2.70
CA THR D 14 -5.63 -21.30 -3.49
C THR D 14 -5.09 -20.04 -2.80
N TYR D 15 -5.32 -19.98 -1.48
CA TYR D 15 -5.01 -18.84 -0.66
C TYR D 15 -3.50 -18.68 -0.59
N LEU D 16 -2.78 -19.78 -0.38
CA LEU D 16 -1.33 -19.72 -0.30
C LEU D 16 -0.75 -19.24 -1.64
N ARG D 17 -1.40 -19.63 -2.74
CA ARG D 17 -0.94 -19.26 -4.07
C ARG D 17 -1.07 -17.75 -4.28
N GLU D 18 -2.12 -17.18 -3.66
CA GLU D 18 -2.47 -15.78 -3.69
C GLU D 18 -1.47 -15.00 -2.87
N MET D 19 -1.19 -15.53 -1.69
CA MET D 19 -0.40 -14.84 -0.68
C MET D 19 1.07 -14.84 -1.07
N GLU D 20 1.53 -15.91 -1.73
CA GLU D 20 2.94 -15.99 -2.12
C GLU D 20 3.28 -14.87 -3.10
N VAL D 21 2.30 -14.46 -3.91
CA VAL D 21 2.48 -13.33 -4.80
C VAL D 21 2.57 -12.02 -4.00
N LYS D 22 1.79 -11.89 -2.93
CA LYS D 22 1.76 -10.67 -2.14
C LYS D 22 3.02 -10.53 -1.29
N CYS D 23 3.49 -11.62 -0.67
CA CYS D 23 4.64 -11.61 0.22
C CYS D 23 5.95 -11.80 -0.54
N LYS D 24 5.97 -11.50 -1.85
CA LYS D 24 7.14 -11.73 -2.68
C LYS D 24 8.07 -10.51 -2.61
N PRO D 25 9.40 -10.70 -2.38
CA PRO D 25 10.37 -9.60 -2.40
C PRO D 25 10.54 -8.96 -3.77
N LYS D 26 11.14 -7.76 -3.79
CA LYS D 26 11.62 -7.14 -5.01
C LYS D 26 12.69 -8.04 -5.66
N VAL D 27 12.44 -8.41 -6.92
CA VAL D 27 13.21 -9.42 -7.64
C VAL D 27 14.69 -9.01 -7.73
N GLY D 28 14.95 -7.72 -7.91
CA GLY D 28 16.34 -7.28 -7.94
C GLY D 28 16.63 -6.24 -6.86
N TYR D 29 16.27 -6.58 -5.62
CA TYR D 29 16.45 -5.63 -4.54
C TYR D 29 17.93 -5.41 -4.30
N MET D 30 18.72 -6.46 -4.56
CA MET D 30 20.13 -6.48 -4.21
C MET D 30 20.94 -5.46 -5.04
N LYS D 31 20.44 -5.14 -6.25
CA LYS D 31 21.04 -4.13 -7.11
C LYS D 31 20.88 -2.75 -6.46
N LYS D 32 19.78 -2.52 -5.75
CA LYS D 32 19.46 -1.20 -5.22
C LYS D 32 20.04 -1.02 -3.82
N GLN D 33 20.66 -2.08 -3.25
CA GLN D 33 21.36 -2.06 -1.97
C GLN D 33 22.81 -1.64 -2.21
N PRO D 34 23.20 -0.38 -1.90
CA PRO D 34 24.52 0.10 -2.27
C PRO D 34 25.69 -0.57 -1.54
N ASP D 35 25.41 -1.14 -0.35
CA ASP D 35 26.48 -1.58 0.53
C ASP D 35 26.48 -3.09 0.72
N ILE D 36 25.50 -3.82 0.15
CA ILE D 36 25.40 -5.26 0.37
C ILE D 36 25.06 -6.00 -0.93
N THR D 37 25.38 -7.31 -0.95
CA THR D 37 25.50 -8.12 -2.16
C THR D 37 24.94 -9.51 -1.96
N ASN D 38 24.58 -10.17 -3.07
CA ASN D 38 23.96 -11.50 -3.06
C ASN D 38 24.84 -12.45 -2.26
N SER D 39 26.16 -12.25 -2.36
CA SER D 39 27.17 -13.04 -1.67
C SER D 39 27.02 -12.94 -0.14
N MET D 40 26.85 -11.70 0.35
CA MET D 40 26.74 -11.43 1.78
C MET D 40 25.46 -12.10 2.30
N ARG D 41 24.37 -11.92 1.56
CA ARG D 41 23.10 -12.55 1.86
C ARG D 41 23.27 -14.07 1.95
N ALA D 42 24.20 -14.61 1.15
CA ALA D 42 24.40 -16.06 1.12
C ALA D 42 25.06 -16.52 2.43
N ILE D 43 26.08 -15.78 2.87
CA ILE D 43 26.67 -16.02 4.18
C ILE D 43 25.58 -15.98 5.26
N LEU D 44 24.71 -14.98 5.18
CA LEU D 44 23.73 -14.75 6.22
C LEU D 44 22.76 -15.92 6.31
N VAL D 45 22.27 -16.39 5.16
CA VAL D 45 21.30 -17.47 5.15
C VAL D 45 21.98 -18.73 5.65
N ASP D 46 23.25 -18.94 5.26
CA ASP D 46 23.97 -20.12 5.67
C ASP D 46 24.13 -20.17 7.19
N TRP D 47 24.38 -19.00 7.78
CA TRP D 47 24.47 -18.86 9.23
C TRP D 47 23.13 -19.18 9.90
N LEU D 48 22.03 -18.74 9.28
CA LEU D 48 20.70 -19.03 9.81
C LEU D 48 20.46 -20.54 9.84
N VAL D 49 21.00 -21.27 8.85
CA VAL D 49 20.85 -22.71 8.76
C VAL D 49 21.45 -23.34 10.02
N GLU D 50 22.70 -22.92 10.34
CA GLU D 50 23.42 -23.39 11.52
C GLU D 50 22.61 -23.09 12.78
N VAL D 51 22.17 -21.83 12.93
CA VAL D 51 21.36 -21.40 14.07
C VAL D 51 20.14 -22.31 14.21
N GLY D 52 19.46 -22.56 13.07
CA GLY D 52 18.34 -23.48 13.02
C GLY D 52 18.73 -24.85 13.55
N GLU D 53 19.92 -25.31 13.18
CA GLU D 53 20.39 -26.64 13.52
C GLU D 53 20.80 -26.68 14.99
N GLU D 54 21.50 -25.63 15.43
CA GLU D 54 22.02 -25.50 16.79
C GLU D 54 20.89 -25.54 17.80
N TYR D 55 19.76 -24.87 17.52
CA TYR D 55 18.68 -24.69 18.48
C TYR D 55 17.46 -25.56 18.12
N LYS D 56 17.68 -26.46 17.15
CA LYS D 56 16.74 -27.50 16.74
C LYS D 56 15.40 -26.87 16.37
N LEU D 57 15.44 -25.84 15.52
CA LEU D 57 14.24 -25.17 15.08
C LEU D 57 13.68 -25.91 13.87
N GLN D 58 12.38 -25.76 13.65
CA GLN D 58 11.70 -26.24 12.46
C GLN D 58 12.36 -25.66 11.21
N ASN D 59 12.28 -26.38 10.09
CA ASN D 59 12.75 -25.83 8.82
C ASN D 59 11.86 -24.69 8.38
N GLU D 60 10.57 -24.78 8.75
CA GLU D 60 9.60 -23.75 8.43
C GLU D 60 10.07 -22.41 8.98
N THR D 61 10.65 -22.43 10.19
CA THR D 61 11.17 -21.24 10.84
C THR D 61 12.26 -20.60 9.99
N LEU D 62 13.11 -21.43 9.38
CA LEU D 62 14.19 -20.98 8.52
C LEU D 62 13.62 -20.29 7.29
N HIS D 63 12.59 -20.88 6.69
CA HIS D 63 12.05 -20.37 5.44
C HIS D 63 11.37 -19.01 5.68
N LEU D 64 10.62 -18.91 6.79
CA LEU D 64 9.94 -17.69 7.17
C LEU D 64 10.95 -16.56 7.37
N ALA D 65 11.99 -16.85 8.16
CA ALA D 65 13.05 -15.89 8.46
C ALA D 65 13.61 -15.31 7.15
N VAL D 66 13.86 -16.18 6.18
CA VAL D 66 14.44 -15.77 4.91
C VAL D 66 13.45 -14.87 4.16
N ASN D 67 12.15 -15.21 4.17
CA ASN D 67 11.12 -14.34 3.61
C ASN D 67 11.15 -12.97 4.29
N TYR D 68 11.27 -12.97 5.62
CA TYR D 68 11.23 -11.73 6.40
C TYR D 68 12.38 -10.83 5.99
N ILE D 69 13.57 -11.44 5.80
CA ILE D 69 14.79 -10.73 5.46
C ILE D 69 14.66 -10.08 4.09
N ASP D 70 14.20 -10.88 3.12
CA ASP D 70 14.19 -10.42 1.74
C ASP D 70 13.25 -9.22 1.62
N ARG D 71 12.09 -9.33 2.26
CA ARG D 71 11.07 -8.29 2.15
C ARG D 71 11.57 -7.02 2.84
N PHE D 72 12.31 -7.21 3.94
CA PHE D 72 12.84 -6.08 4.68
C PHE D 72 13.86 -5.32 3.84
N LEU D 73 14.76 -6.05 3.16
CA LEU D 73 15.80 -5.44 2.35
C LEU D 73 15.23 -4.96 1.02
N SER D 74 13.98 -5.35 0.72
CA SER D 74 13.24 -4.86 -0.43
C SER D 74 12.75 -3.43 -0.22
N SER D 75 12.75 -2.96 1.03
CA SER D 75 12.32 -1.59 1.30
C SER D 75 13.30 -0.77 2.16
N MET D 76 14.27 -1.42 2.79
CA MET D 76 15.19 -0.72 3.70
C MET D 76 16.64 -0.96 3.28
N SER D 77 17.27 0.14 2.90
CA SER D 77 18.69 0.16 2.65
C SER D 77 19.37 -0.17 3.98
N VAL D 78 20.34 -1.10 3.98
CA VAL D 78 20.99 -1.62 5.18
C VAL D 78 22.50 -1.69 4.95
N LEU D 79 23.27 -1.15 5.91
CA LEU D 79 24.72 -1.22 5.87
C LEU D 79 25.17 -2.62 6.25
N ARG D 80 26.40 -2.96 5.87
CA ARG D 80 26.90 -4.33 5.94
C ARG D 80 27.02 -4.80 7.39
N GLY D 81 27.48 -3.90 8.27
CA GLY D 81 27.68 -4.20 9.67
C GLY D 81 26.38 -4.42 10.41
N LYS D 82 25.24 -4.22 9.71
CA LYS D 82 23.92 -4.36 10.32
C LYS D 82 23.13 -5.51 9.69
N LEU D 83 23.65 -6.09 8.59
CA LEU D 83 22.98 -7.17 7.87
C LEU D 83 22.66 -8.32 8.81
N GLN D 84 23.60 -8.66 9.70
CA GLN D 84 23.35 -9.72 10.66
C GLN D 84 22.29 -9.32 11.71
N LEU D 85 22.23 -8.03 12.06
CA LEU D 85 21.24 -7.60 13.03
C LEU D 85 19.86 -7.85 12.45
N VAL D 86 19.68 -7.59 11.15
CA VAL D 86 18.40 -7.79 10.49
C VAL D 86 18.04 -9.28 10.56
N GLY D 87 19.03 -10.13 10.26
CA GLY D 87 18.82 -11.56 10.20
C GLY D 87 18.51 -12.15 11.56
N THR D 88 19.23 -11.71 12.61
CA THR D 88 18.97 -12.18 13.97
C THR D 88 17.53 -11.84 14.32
N ALA D 89 17.12 -10.59 14.04
CA ALA D 89 15.78 -10.14 14.41
C ALA D 89 14.73 -10.93 13.63
N ALA D 90 15.00 -11.27 12.37
CA ALA D 90 14.09 -12.05 11.55
C ALA D 90 13.89 -13.47 12.11
N MET D 91 15.01 -14.13 12.45
CA MET D 91 14.97 -15.47 12.99
C MET D 91 14.14 -15.46 14.26
N LEU D 92 14.46 -14.53 15.17
CA LEU D 92 13.72 -14.31 16.41
C LEU D 92 12.23 -14.23 16.10
N LEU D 93 11.87 -13.34 15.18
CA LEU D 93 10.48 -13.14 14.85
C LEU D 93 9.86 -14.43 14.33
N ALA D 94 10.56 -15.11 13.39
CA ALA D 94 10.09 -16.37 12.83
C ALA D 94 9.86 -17.39 13.94
N SER D 95 10.79 -17.44 14.90
CA SER D 95 10.73 -18.39 16.00
C SER D 95 9.49 -18.13 16.85
N LYS D 96 9.28 -16.86 17.24
CA LYS D 96 8.11 -16.51 18.02
C LYS D 96 6.83 -16.89 17.27
N PHE D 97 6.84 -16.76 15.94
CA PHE D 97 5.66 -17.02 15.15
C PHE D 97 5.37 -18.51 15.12
N GLU D 98 6.42 -19.31 14.91
CA GLU D 98 6.28 -20.67 14.40
C GLU D 98 6.52 -21.75 15.45
N GLU D 99 7.43 -21.50 16.40
CA GLU D 99 7.88 -22.50 17.34
C GLU D 99 6.97 -22.55 18.57
N ILE D 100 6.79 -23.77 19.10
CA ILE D 100 6.14 -24.00 20.38
C ILE D 100 6.99 -23.36 21.49
N TYR D 101 8.30 -23.63 21.44
CA TYR D 101 9.25 -23.24 22.47
C TYR D 101 10.38 -22.41 21.86
N PRO D 102 10.15 -21.14 21.47
CA PRO D 102 11.21 -20.34 20.84
C PRO D 102 12.42 -20.16 21.75
N PRO D 103 13.65 -20.10 21.20
CA PRO D 103 14.78 -19.65 22.02
C PRO D 103 14.44 -18.29 22.61
N GLU D 104 15.03 -17.95 23.76
CA GLU D 104 14.83 -16.65 24.36
C GLU D 104 15.72 -15.63 23.64
N VAL D 105 15.43 -14.33 23.83
CA VAL D 105 16.15 -13.27 23.12
C VAL D 105 17.65 -13.36 23.41
N ALA D 106 17.99 -13.65 24.67
CA ALA D 106 19.35 -13.76 25.14
C ALA D 106 20.17 -14.76 24.32
N GLU D 107 19.49 -15.80 23.80
CA GLU D 107 20.16 -16.80 22.98
C GLU D 107 20.41 -16.24 21.59
N PHE D 108 19.52 -15.35 21.16
CA PHE D 108 19.71 -14.71 19.87
C PHE D 108 20.89 -13.74 19.94
N VAL D 109 21.15 -13.17 21.13
CA VAL D 109 22.28 -12.27 21.31
C VAL D 109 23.55 -13.09 21.43
N TYR D 110 23.42 -14.31 21.97
CA TYR D 110 24.58 -15.16 22.21
C TYR D 110 25.21 -15.52 20.87
N ILE D 111 24.38 -15.89 19.88
CA ILE D 111 24.86 -16.43 18.61
C ILE D 111 25.52 -15.37 17.73
N THR D 112 25.30 -14.08 18.02
CA THR D 112 25.91 -13.02 17.23
C THR D 112 27.30 -12.69 17.75
N ASP D 113 27.77 -13.47 18.75
CA ASP D 113 29.10 -13.36 19.33
C ASP D 113 29.31 -12.03 20.04
N ASP D 114 28.21 -11.44 20.55
CA ASP D 114 28.23 -10.14 21.21
C ASP D 114 28.68 -9.03 20.26
N THR D 115 28.40 -9.22 18.95
CA THR D 115 28.45 -8.16 17.96
C THR D 115 27.42 -7.10 18.34
N TYR D 116 26.24 -7.54 18.78
CA TYR D 116 25.11 -6.67 19.04
C TYR D 116 24.67 -6.81 20.49
N THR D 117 24.10 -5.73 21.02
CA THR D 117 23.50 -5.68 22.36
C THR D 117 22.09 -6.23 22.26
N LYS D 118 21.56 -6.71 23.40
CA LYS D 118 20.20 -7.19 23.47
C LYS D 118 19.23 -6.09 23.01
N LYS D 119 19.49 -4.86 23.39
CA LYS D 119 18.56 -3.74 23.06
C LYS D 119 18.53 -3.54 21.53
N GLN D 120 19.66 -3.74 20.87
CA GLN D 120 19.72 -3.58 19.40
C GLN D 120 18.84 -4.65 18.77
N VAL D 121 18.88 -5.87 19.31
CA VAL D 121 18.11 -6.93 18.69
C VAL D 121 16.62 -6.63 18.82
N LEU D 122 16.22 -6.12 19.99
CA LEU D 122 14.82 -5.88 20.32
C LEU D 122 14.29 -4.72 19.51
N ARG D 123 15.08 -3.64 19.44
CA ARG D 123 14.74 -2.50 18.60
C ARG D 123 14.63 -2.94 17.13
N MET D 124 15.56 -3.76 16.65
CA MET D 124 15.46 -4.24 15.29
C MET D 124 14.22 -5.08 15.14
N GLU D 125 13.87 -5.89 16.16
CA GLU D 125 12.64 -6.66 16.12
C GLU D 125 11.45 -5.77 15.76
N HIS D 126 11.31 -4.64 16.48
CA HIS D 126 10.16 -3.77 16.32
C HIS D 126 10.21 -3.16 14.92
N LEU D 127 11.38 -2.70 14.50
CA LEU D 127 11.48 -2.10 13.18
C LEU D 127 11.00 -3.09 12.12
N VAL D 128 11.45 -4.35 12.21
CA VAL D 128 11.10 -5.36 11.22
C VAL D 128 9.58 -5.54 11.19
N LEU D 129 8.96 -5.60 12.36
CA LEU D 129 7.49 -5.81 12.41
C LEU D 129 6.76 -4.66 11.72
N LYS D 130 7.30 -3.43 11.86
CA LYS D 130 6.64 -2.24 11.26
C LYS D 130 6.84 -2.24 9.74
N VAL D 131 8.09 -2.43 9.30
CA VAL D 131 8.39 -2.45 7.84
C VAL D 131 7.50 -3.52 7.20
N LEU D 132 7.37 -4.66 7.88
CA LEU D 132 6.58 -5.75 7.33
C LEU D 132 5.10 -5.55 7.65
N ALA D 133 4.77 -4.48 8.38
CA ALA D 133 3.41 -4.18 8.84
C ALA D 133 2.75 -5.43 9.45
N PHE D 134 3.54 -6.19 10.25
CA PHE D 134 3.12 -7.41 10.94
C PHE D 134 2.62 -8.48 9.99
N ASP D 135 2.99 -8.41 8.71
CA ASP D 135 2.49 -9.38 7.75
C ASP D 135 3.46 -10.56 7.74
N LEU D 136 3.35 -11.44 8.77
CA LEU D 136 4.32 -12.48 9.03
C LEU D 136 3.92 -13.87 8.55
N ALA D 137 2.62 -14.10 8.27
CA ALA D 137 2.09 -15.43 7.93
C ALA D 137 2.32 -15.75 6.46
N ALA D 138 3.58 -15.79 6.03
CA ALA D 138 3.98 -15.95 4.64
C ALA D 138 3.97 -17.42 4.21
N PRO D 139 3.55 -17.72 2.97
CA PRO D 139 3.68 -19.08 2.43
C PRO D 139 5.17 -19.30 2.13
N THR D 140 5.65 -20.50 2.48
CA THR D 140 7.03 -20.95 2.26
C THR D 140 7.05 -22.11 1.27
N ILE D 141 8.24 -22.39 0.74
CA ILE D 141 8.49 -23.59 -0.06
C ILE D 141 7.97 -24.83 0.69
N ASN D 142 8.30 -24.94 1.99
CA ASN D 142 7.94 -26.10 2.77
C ASN D 142 6.43 -26.29 2.87
N GLN D 143 5.69 -25.17 3.01
CA GLN D 143 4.24 -25.23 3.20
C GLN D 143 3.57 -25.88 2.00
N PHE D 144 4.22 -25.77 0.83
CA PHE D 144 3.76 -26.41 -0.39
C PHE D 144 4.27 -27.85 -0.46
N LEU D 145 5.58 -28.05 -0.19
CA LEU D 145 6.21 -29.35 -0.18
C LEU D 145 5.43 -30.37 0.67
N THR D 146 4.95 -29.96 1.85
CA THR D 146 4.27 -30.89 2.74
C THR D 146 2.94 -31.33 2.12
N GLN D 147 2.36 -30.45 1.26
CA GLN D 147 1.11 -30.70 0.55
C GLN D 147 1.36 -31.61 -0.66
N TYR D 148 2.48 -31.34 -1.36
CA TYR D 148 2.91 -32.13 -2.49
C TYR D 148 3.17 -33.58 -2.04
N PHE D 149 3.86 -33.75 -0.89
CA PHE D 149 4.24 -35.05 -0.37
C PHE D 149 3.04 -35.98 -0.12
N LEU D 150 1.83 -35.40 -0.13
CA LEU D 150 0.62 -36.18 0.03
C LEU D 150 0.25 -36.90 -1.28
N HIS D 151 0.88 -36.53 -2.41
CA HIS D 151 0.55 -37.12 -3.69
C HIS D 151 1.72 -38.03 -4.10
N GLN D 152 2.20 -38.77 -3.12
CA GLN D 152 3.32 -39.71 -3.34
C GLN D 152 2.80 -41.12 -3.03
N GLN D 153 2.86 -42.03 -4.00
CA GLN D 153 2.39 -43.42 -3.79
C GLN D 153 3.57 -44.39 -4.00
N PRO D 154 4.04 -45.07 -2.94
CA PRO D 154 3.76 -44.62 -1.59
C PRO D 154 4.68 -43.49 -1.19
N ALA D 155 4.80 -43.25 0.12
CA ALA D 155 5.65 -42.14 0.61
C ALA D 155 7.11 -42.56 0.59
N ASN D 156 8.01 -41.61 0.36
CA ASN D 156 9.46 -41.95 0.25
C ASN D 156 10.27 -41.00 1.15
N CYS D 157 10.61 -41.46 2.35
CA CYS D 157 11.43 -40.65 3.28
C CYS D 157 12.58 -40.00 2.52
N LYS D 158 13.38 -40.79 1.83
CA LYS D 158 14.55 -40.25 1.10
C LYS D 158 14.08 -39.10 0.20
N VAL D 159 13.03 -39.32 -0.60
CA VAL D 159 12.56 -38.26 -1.54
C VAL D 159 12.29 -37.02 -0.67
N GLU D 160 11.43 -37.15 0.33
CA GLU D 160 11.07 -35.99 1.18
C GLU D 160 12.35 -35.33 1.68
N SER D 161 13.15 -36.05 2.48
CA SER D 161 14.42 -35.49 2.93
C SER D 161 15.20 -34.80 1.81
N LEU D 162 15.20 -35.37 0.59
CA LEU D 162 15.92 -34.79 -0.53
C LEU D 162 15.21 -33.52 -1.02
N ALA D 163 13.89 -33.53 -1.13
CA ALA D 163 13.16 -32.38 -1.65
C ALA D 163 13.33 -31.18 -0.71
N MET D 164 13.30 -31.44 0.61
CA MET D 164 13.52 -30.41 1.62
C MET D 164 14.86 -29.74 1.36
N PHE D 165 15.90 -30.57 1.15
CA PHE D 165 17.28 -30.15 1.00
C PHE D 165 17.46 -29.22 -0.20
N LEU D 166 16.91 -29.61 -1.35
CA LEU D 166 17.04 -28.82 -2.55
C LEU D 166 16.40 -27.45 -2.30
N GLY D 167 15.14 -27.49 -1.83
CA GLY D 167 14.38 -26.33 -1.37
C GLY D 167 15.24 -25.36 -0.57
N GLU D 168 15.95 -25.87 0.43
CA GLU D 168 16.85 -25.08 1.27
C GLU D 168 18.04 -24.52 0.48
N LEU D 169 18.56 -25.26 -0.50
CA LEU D 169 19.69 -24.79 -1.28
C LEU D 169 19.32 -23.48 -1.96
N SER D 170 18.05 -23.40 -2.40
CA SER D 170 17.54 -22.24 -3.11
C SER D 170 17.53 -20.99 -2.22
N LEU D 171 17.30 -21.15 -0.90
CA LEU D 171 17.27 -20.04 0.05
C LEU D 171 18.54 -19.20 -0.04
N ILE D 172 19.70 -19.86 -0.28
CA ILE D 172 21.03 -19.29 -0.17
C ILE D 172 21.31 -18.26 -1.28
N ASP D 173 20.78 -18.52 -2.48
CA ASP D 173 21.15 -17.82 -3.69
C ASP D 173 19.96 -17.02 -4.20
N ALA D 174 19.99 -15.70 -3.97
CA ALA D 174 18.93 -14.78 -4.38
C ALA D 174 18.83 -14.76 -5.90
N ASP D 175 20.00 -14.72 -6.55
CA ASP D 175 20.15 -14.97 -7.97
C ASP D 175 20.46 -16.46 -8.13
N PRO D 176 19.58 -17.29 -8.71
CA PRO D 176 18.34 -16.83 -9.36
C PRO D 176 17.00 -16.82 -8.64
N TYR D 177 16.93 -17.36 -7.42
CA TYR D 177 15.69 -17.92 -6.90
C TYR D 177 14.66 -16.86 -6.48
N LEU D 178 15.08 -15.60 -6.33
CA LEU D 178 14.13 -14.58 -5.96
C LEU D 178 13.06 -14.37 -7.04
N LYS D 179 13.34 -14.83 -8.26
CA LYS D 179 12.43 -14.61 -9.38
C LYS D 179 11.47 -15.78 -9.56
N TYR D 180 11.64 -16.85 -8.78
CA TYR D 180 10.66 -17.93 -8.68
C TYR D 180 9.86 -17.84 -7.37
N LEU D 181 8.56 -18.14 -7.48
CA LEU D 181 7.66 -18.20 -6.36
C LEU D 181 7.92 -19.48 -5.56
N PRO D 182 7.57 -19.52 -4.26
CA PRO D 182 7.78 -20.72 -3.44
C PRO D 182 7.15 -22.00 -3.96
N SER D 183 5.91 -21.92 -4.45
CA SER D 183 5.19 -23.08 -4.98
C SER D 183 5.96 -23.71 -6.14
N VAL D 184 6.64 -22.86 -6.94
CA VAL D 184 7.37 -23.26 -8.13
C VAL D 184 8.67 -23.94 -7.73
N ILE D 185 9.45 -23.31 -6.84
CA ILE D 185 10.65 -23.97 -6.34
C ILE D 185 10.26 -25.27 -5.65
N ALA D 186 9.15 -25.24 -4.89
CA ALA D 186 8.62 -26.43 -4.25
C ALA D 186 8.33 -27.56 -5.24
N ALA D 187 7.80 -27.21 -6.42
CA ALA D 187 7.49 -28.20 -7.45
C ALA D 187 8.78 -28.73 -8.08
N ALA D 188 9.63 -27.81 -8.52
CA ALA D 188 10.93 -28.10 -9.11
C ALA D 188 11.82 -28.92 -8.16
N ALA D 189 11.68 -28.67 -6.86
CA ALA D 189 12.46 -29.41 -5.89
C ALA D 189 11.92 -30.83 -5.75
N PHE D 190 10.59 -30.98 -5.89
CA PHE D 190 9.89 -32.21 -5.62
C PHE D 190 10.12 -33.20 -6.77
N HIS D 191 9.88 -32.75 -8.01
CA HIS D 191 10.22 -33.54 -9.16
C HIS D 191 11.66 -34.05 -9.00
N LEU D 192 12.61 -33.11 -8.98
CA LEU D 192 14.03 -33.42 -8.99
C LEU D 192 14.40 -34.49 -7.95
N ALA D 193 13.70 -34.51 -6.81
CA ALA D 193 14.02 -35.46 -5.73
C ALA D 193 13.30 -36.80 -5.95
N LEU D 194 12.08 -36.75 -6.52
CA LEU D 194 11.30 -37.92 -6.87
C LEU D 194 12.04 -38.69 -7.97
N TYR D 195 12.60 -37.95 -8.94
CA TYR D 195 13.33 -38.47 -10.09
C TYR D 195 14.65 -39.09 -9.65
N THR D 196 15.42 -38.37 -8.82
CA THR D 196 16.71 -38.84 -8.32
C THR D 196 16.58 -40.21 -7.66
N VAL D 197 15.50 -40.42 -6.90
CA VAL D 197 15.40 -41.57 -6.02
C VAL D 197 14.64 -42.70 -6.68
N THR D 198 13.48 -42.40 -7.28
CA THR D 198 12.61 -43.44 -7.79
C THR D 198 12.65 -43.53 -9.32
N GLY D 199 13.05 -42.45 -10.00
CA GLY D 199 13.07 -42.40 -11.45
C GLY D 199 11.84 -41.69 -12.02
N GLN D 200 10.86 -41.46 -11.15
CA GLN D 200 9.55 -40.94 -11.59
C GLN D 200 9.53 -39.42 -11.84
N SER D 201 8.33 -38.87 -12.01
CA SER D 201 8.23 -37.43 -12.38
C SER D 201 7.01 -36.75 -11.76
N TRP D 202 6.94 -35.42 -11.89
CA TRP D 202 5.79 -34.63 -11.38
C TRP D 202 4.50 -35.41 -11.60
N PRO D 203 3.90 -35.96 -10.53
CA PRO D 203 2.69 -36.75 -10.68
C PRO D 203 1.59 -35.89 -11.26
N GLU D 204 0.69 -36.51 -12.02
CA GLU D 204 -0.35 -35.72 -12.72
C GLU D 204 -1.34 -35.18 -11.69
N SER D 205 -1.68 -35.96 -10.68
CA SER D 205 -2.59 -35.45 -9.67
C SER D 205 -2.16 -34.05 -9.18
N LEU D 206 -0.84 -33.83 -9.13
CA LEU D 206 -0.25 -32.55 -8.73
C LEU D 206 -0.22 -31.55 -9.88
N VAL D 207 -0.33 -32.02 -11.12
CA VAL D 207 -0.51 -31.12 -12.25
C VAL D 207 -1.92 -30.55 -12.18
N GLN D 208 -2.89 -31.39 -11.78
CA GLN D 208 -4.28 -30.99 -11.74
C GLN D 208 -4.50 -29.95 -10.65
N LYS D 209 -3.74 -30.07 -9.55
CA LYS D 209 -3.84 -29.23 -8.37
C LYS D 209 -3.23 -27.85 -8.61
N THR D 210 -1.97 -27.82 -9.11
CA THR D 210 -1.15 -26.62 -9.19
C THR D 210 -1.31 -25.92 -10.55
N GLY D 211 -1.65 -26.70 -11.58
CA GLY D 211 -1.68 -26.21 -12.95
C GLY D 211 -0.27 -25.95 -13.49
N TYR D 212 0.70 -26.62 -12.89
CA TYR D 212 2.12 -26.48 -13.30
C TYR D 212 2.52 -27.70 -14.09
N THR D 213 3.01 -27.49 -15.31
CA THR D 213 3.48 -28.62 -16.11
C THR D 213 4.99 -28.64 -16.00
N LEU D 214 5.60 -29.80 -16.20
CA LEU D 214 7.08 -29.89 -16.17
C LEU D 214 7.66 -28.90 -17.20
N GLU D 215 6.84 -28.46 -18.14
CA GLU D 215 7.30 -27.43 -19.11
C GLU D 215 7.32 -26.08 -18.40
N THR D 216 6.25 -25.78 -17.67
CA THR D 216 6.17 -24.49 -16.94
C THR D 216 7.22 -24.49 -15.87
N LEU D 217 7.67 -25.67 -15.46
CA LEU D 217 8.64 -25.77 -14.35
C LEU D 217 10.05 -25.98 -14.89
N LYS D 218 10.26 -25.90 -16.21
CA LYS D 218 11.58 -26.25 -16.74
C LYS D 218 12.66 -25.24 -16.35
N PRO D 219 12.47 -23.92 -16.53
CA PRO D 219 13.54 -22.96 -16.24
C PRO D 219 14.07 -23.06 -14.81
N CYS D 220 13.14 -23.17 -13.83
CA CYS D 220 13.47 -23.35 -12.42
C CYS D 220 14.13 -24.71 -12.21
N LEU D 221 13.59 -25.72 -12.92
CA LEU D 221 14.10 -27.08 -12.82
C LEU D 221 15.55 -27.10 -13.29
N LEU D 222 15.87 -26.24 -14.29
CA LEU D 222 17.21 -26.09 -14.83
C LEU D 222 18.14 -25.49 -13.77
N ASP D 223 17.80 -24.29 -13.30
CA ASP D 223 18.55 -23.58 -12.28
C ASP D 223 18.84 -24.51 -11.11
N LEU D 224 17.81 -25.25 -10.66
CA LEU D 224 17.87 -26.05 -9.44
C LEU D 224 18.75 -27.27 -9.63
N HIS D 225 18.70 -27.84 -10.83
CA HIS D 225 19.62 -28.90 -11.22
C HIS D 225 21.06 -28.39 -11.10
N GLN D 226 21.34 -27.24 -11.73
CA GLN D 226 22.67 -26.63 -11.75
C GLN D 226 23.18 -26.48 -10.31
N THR D 227 22.38 -25.82 -9.45
CA THR D 227 22.68 -25.60 -8.04
C THR D 227 23.06 -26.91 -7.34
N TYR D 228 22.22 -27.94 -7.50
CA TYR D 228 22.43 -29.27 -6.94
C TYR D 228 23.81 -29.79 -7.35
N LEU D 229 24.13 -29.65 -8.63
CA LEU D 229 25.35 -30.22 -9.19
C LEU D 229 26.57 -29.55 -8.57
N ARG D 230 26.56 -28.22 -8.47
CA ARG D 230 27.70 -27.44 -7.98
C ARG D 230 27.72 -27.35 -6.45
N ALA D 231 26.71 -27.92 -5.79
CA ALA D 231 26.51 -27.79 -4.35
C ALA D 231 27.79 -28.05 -3.56
N PRO D 232 28.57 -29.13 -3.82
CA PRO D 232 29.83 -29.36 -3.11
C PRO D 232 30.92 -28.30 -3.30
N GLN D 233 30.79 -27.48 -4.36
CA GLN D 233 31.74 -26.40 -4.64
C GLN D 233 31.22 -25.05 -4.14
N HIS D 234 29.93 -24.99 -3.75
CA HIS D 234 29.32 -23.78 -3.22
C HIS D 234 30.09 -23.30 -1.98
N ALA D 235 30.36 -21.99 -1.92
CA ALA D 235 31.04 -21.39 -0.79
C ALA D 235 30.36 -21.77 0.53
N GLN D 236 29.06 -22.10 0.47
CA GLN D 236 28.25 -22.35 1.64
C GLN D 236 27.85 -23.82 1.72
N GLN D 237 28.04 -24.39 2.92
CA GLN D 237 28.12 -25.83 3.10
C GLN D 237 27.23 -26.34 4.24
N SER D 238 26.66 -25.44 5.05
CA SER D 238 25.87 -25.81 6.23
C SER D 238 24.67 -26.69 5.89
N ILE D 239 24.04 -26.44 4.74
CA ILE D 239 22.88 -27.23 4.33
C ILE D 239 23.32 -28.65 3.98
N ARG D 240 24.44 -28.77 3.28
CA ARG D 240 25.01 -30.06 2.94
C ARG D 240 25.35 -30.85 4.21
N GLU D 241 26.13 -30.22 5.11
CA GLU D 241 26.46 -30.76 6.43
C GLU D 241 25.20 -31.26 7.13
N LYS D 242 24.19 -30.36 7.21
CA LYS D 242 22.92 -30.60 7.90
C LYS D 242 22.28 -31.89 7.41
N TYR D 243 22.28 -32.10 6.09
CA TYR D 243 21.50 -33.16 5.46
C TYR D 243 22.32 -34.44 5.24
N LYS D 244 23.59 -34.45 5.64
CA LYS D 244 24.38 -35.68 5.77
C LYS D 244 23.96 -36.48 7.00
N ASN D 245 23.36 -35.79 7.97
CA ASN D 245 22.82 -36.35 9.20
C ASN D 245 21.86 -37.49 8.86
N SER D 246 21.71 -38.42 9.80
CA SER D 246 20.77 -39.55 9.63
C SER D 246 19.33 -39.05 9.67
N LYS D 247 19.07 -38.04 10.50
CA LYS D 247 17.71 -37.46 10.58
C LYS D 247 17.20 -37.23 9.14
N TYR D 248 18.11 -36.87 8.24
CA TYR D 248 17.71 -36.55 6.85
C TYR D 248 18.15 -37.69 5.95
N HIS D 249 18.54 -38.82 6.53
CA HIS D 249 18.84 -40.01 5.74
C HIS D 249 19.95 -39.73 4.73
N GLY D 250 20.95 -38.92 5.15
CA GLY D 250 22.14 -38.57 4.40
C GLY D 250 21.93 -38.31 2.89
N VAL D 251 20.81 -37.67 2.53
CA VAL D 251 20.41 -37.48 1.15
C VAL D 251 21.34 -36.50 0.41
N SER D 252 22.14 -35.74 1.17
CA SER D 252 23.06 -34.79 0.58
C SER D 252 24.30 -35.51 0.06
N LEU D 253 24.39 -36.82 0.36
CA LEU D 253 25.49 -37.68 -0.05
C LEU D 253 25.17 -38.36 -1.38
N LEU D 254 23.89 -38.61 -1.64
CA LEU D 254 23.45 -39.12 -2.94
C LEU D 254 24.08 -38.29 -4.06
N ASN D 255 24.41 -38.94 -5.19
CA ASN D 255 24.88 -38.26 -6.39
C ASN D 255 23.70 -37.67 -7.16
N PRO D 256 23.75 -36.39 -7.57
CA PRO D 256 22.72 -35.83 -8.43
C PRO D 256 22.61 -36.63 -9.72
N PRO D 257 21.41 -36.71 -10.37
CA PRO D 257 21.29 -37.26 -11.72
C PRO D 257 22.01 -36.29 -12.66
N GLU D 258 22.42 -36.79 -13.84
CA GLU D 258 23.29 -36.08 -14.76
C GLU D 258 22.49 -35.22 -15.74
N THR D 259 21.36 -35.78 -16.23
CA THR D 259 20.43 -35.07 -17.10
C THR D 259 19.00 -35.35 -16.61
N LEU D 260 18.03 -34.61 -17.17
CA LEU D 260 16.65 -34.61 -16.70
C LEU D 260 15.71 -35.20 -17.74
N ASN D 261 16.07 -35.10 -19.02
CA ASN D 261 15.33 -35.72 -20.11
C ASN D 261 13.94 -35.05 -20.23
N VAL D 262 13.89 -33.93 -20.96
CA VAL D 262 12.84 -32.91 -20.87
C VAL D 262 12.18 -32.62 -22.23
N1 UU1 E . 15.63 32.65 -33.66
C4 UU1 E . 15.59 33.99 -33.65
N UU1 E . 15.31 32.25 -32.41
C UU1 E . 15.23 34.43 -32.37
O UU1 E . 14.14 30.77 -29.98
C1 UU1 E . 15.06 33.31 -31.62
C2 UU1 E . 15.24 30.83 -32.08
C3 UU1 E . 13.96 30.51 -31.37
BR UU1 E . 14.99 36.21 -31.81
N1 UU1 F . 20.17 14.97 0.84
C4 UU1 F . 18.85 14.90 0.73
N UU1 F . 20.46 16.26 1.18
C UU1 F . 18.28 16.15 1.03
O UU1 F . 22.41 18.83 0.48
C1 UU1 F . 19.33 16.97 1.31
C2 UU1 F . 21.83 16.71 1.40
C3 UU1 F . 21.90 18.20 1.63
BR UU1 F . 16.46 16.65 1.03
N1 UU1 G . 15.81 16.56 -1.13
C4 UU1 G . 17.09 16.51 -0.76
N UU1 G . 15.23 17.46 -0.30
C UU1 G . 17.33 17.40 0.30
O UU1 G . 12.04 17.34 -2.07
C1 UU1 G . 16.12 17.98 0.56
C2 UU1 G . 13.82 17.69 -0.54
C3 UU1 G . 13.41 17.06 -1.83
BR UU1 G . 18.97 17.71 1.16
N1 UU1 H . 16.22 12.45 16.02
C4 UU1 H . 16.88 13.01 15.00
N UU1 H . 15.42 13.43 16.51
C UU1 H . 16.48 14.35 14.83
O UU1 H . 13.36 14.27 19.40
C1 UU1 H . 15.55 14.58 15.80
C2 UU1 H . 14.55 13.16 17.66
C3 UU1 H . 14.58 14.26 18.68
BR UU1 H . 17.07 15.57 13.55
N1 UU1 I . 3.19 9.13 3.83
C4 UU1 I . 4.16 9.21 2.94
N UU1 I . 3.51 8.10 4.65
C UU1 I . 5.11 8.22 3.17
O UU1 I . 0.99 9.31 6.87
C1 UU1 I . 4.67 7.52 4.26
C2 UU1 I . 2.60 7.80 5.75
C3 UU1 I . 2.36 9.00 6.64
BR UU1 I . 6.67 7.91 2.15
N1 UU1 J . -25.88 22.34 4.62
N1 UU1 J . -26.98 18.69 7.87
C4 UU1 J . -25.69 21.05 4.35
C4 UU1 J . -26.35 18.27 6.78
N UU1 J . -25.00 22.65 5.59
N UU1 J . -26.24 19.72 8.35
C UU1 J . -24.68 20.55 5.17
C UU1 J . -25.21 19.05 6.57
O UU1 J . -23.15 25.16 7.29
O UU1 J . -28.98 20.21 9.00
C1 UU1 J . -24.26 21.58 5.94
C1 UU1 J . -25.17 19.96 7.58
C2 UU1 J . -24.92 24.01 6.13
C2 UU1 J . -26.66 20.42 9.57
C3 UU1 J . -24.05 24.06 7.37
C3 UU1 J . -27.97 21.13 9.38
BR UU1 J . -24.02 18.80 5.20
BR UU1 J . -23.98 18.89 5.17
N1 UU1 K . -26.72 14.42 6.78
C4 UU1 K . -25.83 15.00 5.97
N UU1 K . -26.12 14.37 8.00
C UU1 K . -24.67 15.31 6.69
O UU1 K . -26.17 15.05 11.09
C1 UU1 K . -24.89 14.92 7.97
C2 UU1 K . -26.84 13.81 9.14
C3 UU1 K . -27.22 14.87 10.14
BR UU1 K . -23.13 16.13 6.02
N1 UU1 L . -13.73 9.45 -7.19
N1 UU1 L . -12.33 10.01 -7.65
C4 UU1 L . -13.43 8.15 -7.26
C4 UU1 L . -11.44 9.13 -8.09
N UU1 L . -12.67 10.12 -7.70
N UU1 L . -13.35 9.28 -7.17
C UU1 L . -12.16 8.00 -7.82
C UU1 L . -11.88 7.81 -7.87
O UU1 L . -13.77 12.35 -9.79
O UU1 L . -15.75 8.40 -5.46
C1 UU1 L . -11.70 9.26 -8.08
C1 UU1 L . -13.11 7.95 -7.29
C2 UU1 L . -12.63 11.58 -7.79
C2 UU1 L . -14.47 10.03 -6.62
C3 UU1 L . -13.87 12.19 -8.40
C3 UU1 L . -14.84 9.47 -5.27
BR UU1 L . -11.25 6.38 -8.14
BR UU1 L . -10.94 6.24 -8.33
N1 UU1 M . -15.54 -5.52 21.50
C4 UU1 M . -14.41 -5.82 20.85
N UU1 M . -15.34 -5.85 22.79
C UU1 M . -13.50 -6.34 21.78
O UU1 M . -17.57 -6.74 25.51
C1 UU1 M . -14.10 -6.34 22.99
C2 UU1 M . -16.38 -5.64 23.80
C3 UU1 M . -16.97 -6.95 24.24
BR UU1 M . -11.76 -6.92 21.39
N1 UU1 N . -6.03 7.15 25.40
C4 UU1 N . -6.72 6.02 25.48
N UU1 N . -4.87 6.91 26.07
C UU1 N . -5.99 5.08 26.19
O UU1 N . -5.35 9.58 25.28
C1 UU1 N . -4.82 5.66 26.55
C2 UU1 N . -3.83 7.93 26.23
C3 UU1 N . -4.02 9.12 25.31
BR UU1 N . -6.48 3.31 26.59
N1 UU1 O . 29.37 -13.75 11.86
C4 UU1 O . 28.58 -13.08 11.01
N UU1 O . 28.82 -14.98 11.99
C UU1 O . 27.53 -13.91 10.63
O UU1 O . 28.43 -14.84 14.77
C1 UU1 O . 27.71 -15.10 11.24
C2 UU1 O . 29.40 -16.01 12.86
C3 UU1 O . 28.69 -16.12 14.19
BR UU1 O . 26.10 -13.51 9.49
N1 UU1 P . 10.65 -16.86 0.06
N1 UU1 P . 9.69 -17.07 1.01
C4 UU1 P . 10.00 -16.11 -0.83
C4 UU1 P . 8.48 -16.78 0.54
N UU1 P . 9.69 -17.46 0.82
N UU1 P . 10.57 -16.48 0.17
C UU1 P . 8.62 -16.21 -0.63
C UU1 P . 8.59 -16.01 -0.62
O UU1 P . 10.38 -20.76 1.65
O UU1 P . 12.97 -14.59 -0.24
C1 UU1 P . 8.46 -17.07 0.42
C1 UU1 P . 9.93 -15.83 -0.82
C2 UU1 P . 9.98 -18.38 1.91
C2 UU1 P . 11.99 -16.63 0.47
C3 UU1 P . 10.96 -19.47 1.57
C3 UU1 P . 12.85 -15.96 -0.57
BR UU1 P . 7.24 -15.38 -1.60
BR UU1 P . 7.18 -15.35 -1.66
#